data_6LKY
#
_entry.id   6LKY
#
_cell.length_a   169.168
_cell.length_b   69.794
_cell.length_c   71.084
_cell.angle_alpha   90.000
_cell.angle_beta   90.000
_cell.angle_gamma   90.000
#
_symmetry.space_group_name_H-M   'P 21 21 2'
#
loop_
_entity.id
_entity.type
_entity.pdbx_description
1 polymer 'Putative isocitrate dehydrogenase, NAD-dependent'
2 non-polymer NICOTINAMIDE-ADENINE-DINUCLEOTIDE
3 non-polymer 'ACETYL GROUP'
4 non-polymer 'CITRIC ACID'
5 non-polymer 'ACETATE ION'
6 water water
#
_entity_poly.entity_id   1
_entity_poly.type   'polypeptide(L)'
_entity_poly.pdbx_seq_one_letter_code
;MHKITLIPGDGIGPSIVDAAVKVIEATGVQVQWDTQSAGMAAVEKFGTPLPDATLDSIRANRICFKGPLTTPVGGGYRSV
NVTLRQALNLYANVRPAISFEGTDTAFSDVNLVTVRENTEGLYAGIEHFIKVDEEKIAAESIAVVTRKGSERIIRYAFDY
ARRARRKKVTLVHKANILKCTSGLFLEIGREIAKEYPDIEFDDRIVDACSMQMVMQPQRFDVLVTTNLFGDILSDLAAGL
IGGLGLTAGANIGTDAALFEAVHGSAPDIADKGIANPTAMIMAGAMMLEHIGEPDAARRIERAVREVIEDGRSVTPDLAK
DSPCGTAQMAEAIVERVRQA
;
_entity_poly.pdbx_strand_id   A,B
#
loop_
_chem_comp.id
_chem_comp.type
_chem_comp.name
_chem_comp.formula
ACE non-polymer 'ACETYL GROUP' 'C2 H4 O'
ACT non-polymer 'ACETATE ION' 'C2 H3 O2 -1'
CIT non-polymer 'CITRIC ACID' 'C6 H8 O7'
NAD non-polymer NICOTINAMIDE-ADENINE-DINUCLEOTIDE 'C21 H27 N7 O14 P2'
#
# COMPACT_ATOMS: atom_id res chain seq x y z
N MET A 1 6.59 -39.56 -11.01
N MET A 1 6.90 -39.51 -11.13
CA MET A 1 7.81 -39.20 -10.29
CA MET A 1 8.04 -38.98 -10.39
C MET A 1 7.51 -38.22 -9.15
C MET A 1 7.60 -38.13 -9.20
N HIS A 2 6.61 -37.27 -9.39
CA HIS A 2 6.23 -36.26 -8.40
C HIS A 2 4.77 -36.38 -8.01
N LYS A 3 4.50 -36.58 -6.72
CA LYS A 3 3.14 -36.58 -6.18
C LYS A 3 2.88 -35.23 -5.49
N ILE A 4 1.85 -34.52 -5.97
CA ILE A 4 1.62 -33.12 -5.62
C ILE A 4 0.16 -32.93 -5.22
N THR A 5 -0.07 -32.34 -4.05
CA THR A 5 -1.45 -32.03 -3.64
C THR A 5 -2.00 -30.91 -4.50
N LEU A 6 -3.23 -31.09 -4.99
CA LEU A 6 -3.84 -30.17 -5.96
C LEU A 6 -5.15 -29.66 -5.40
N ILE A 7 -5.28 -28.34 -5.30
CA ILE A 7 -6.47 -27.71 -4.74
C ILE A 7 -7.05 -26.77 -5.79
N PRO A 8 -8.15 -27.16 -6.43
CA PRO A 8 -8.71 -26.31 -7.48
C PRO A 8 -9.19 -24.95 -7.00
N GLY A 9 -9.73 -24.87 -5.78
CA GLY A 9 -10.07 -23.59 -5.20
C GLY A 9 -11.45 -23.06 -5.58
N ASP A 10 -11.58 -21.74 -5.53
CA ASP A 10 -12.86 -21.05 -5.58
C ASP A 10 -12.93 -20.10 -6.77
N GLY A 11 -14.17 -19.79 -7.17
CA GLY A 11 -14.38 -18.80 -8.22
C GLY A 11 -13.70 -19.22 -9.51
N ILE A 12 -12.78 -18.37 -10.00
CA ILE A 12 -12.03 -18.68 -11.22
C ILE A 12 -10.98 -19.77 -11.00
N GLY A 13 -10.77 -20.20 -9.75
CA GLY A 13 -9.76 -21.17 -9.43
C GLY A 13 -9.75 -22.41 -10.32
N PRO A 14 -10.85 -23.18 -10.35
CA PRO A 14 -10.85 -24.43 -11.13
C PRO A 14 -10.47 -24.25 -12.59
N SER A 15 -10.97 -23.21 -13.27
N SER A 15 -10.95 -23.20 -13.27
CA SER A 15 -10.60 -23.00 -14.66
CA SER A 15 -10.59 -23.04 -14.67
C SER A 15 -9.10 -22.81 -14.80
C SER A 15 -9.09 -22.80 -14.82
N ILE A 16 -8.56 -21.80 -14.10
CA ILE A 16 -7.14 -21.46 -14.28
C ILE A 16 -6.25 -22.60 -13.81
N VAL A 17 -6.62 -23.28 -12.74
CA VAL A 17 -5.83 -24.44 -12.30
C VAL A 17 -5.88 -25.51 -13.37
N ASP A 18 -7.05 -25.70 -13.97
CA ASP A 18 -7.15 -26.63 -15.09
C ASP A 18 -6.15 -26.25 -16.17
N ALA A 19 -6.18 -24.96 -16.57
CA ALA A 19 -5.23 -24.48 -17.56
C ALA A 19 -3.81 -24.82 -17.15
N ALA A 20 -3.46 -24.52 -15.90
CA ALA A 20 -2.08 -24.69 -15.51
C ALA A 20 -1.68 -26.15 -15.58
N VAL A 21 -2.58 -27.04 -15.15
CA VAL A 21 -2.26 -28.47 -15.17
C VAL A 21 -1.91 -28.89 -16.59
N LYS A 22 -2.71 -28.44 -17.57
CA LYS A 22 -2.45 -28.84 -18.96
C LYS A 22 -1.06 -28.38 -19.37
N VAL A 23 -0.72 -27.14 -19.04
CA VAL A 23 0.58 -26.60 -19.43
C VAL A 23 1.69 -27.41 -18.79
N ILE A 24 1.53 -27.74 -17.51
CA ILE A 24 2.56 -28.54 -16.85
C ILE A 24 2.71 -29.87 -17.56
N GLU A 25 1.59 -30.51 -17.89
CA GLU A 25 1.70 -31.82 -18.51
C GLU A 25 2.28 -31.70 -19.91
N ALA A 26 2.08 -30.56 -20.57
CA ALA A 26 2.64 -30.39 -21.89
C ALA A 26 4.17 -30.41 -21.87
N THR A 27 4.79 -30.13 -20.71
CA THR A 27 6.25 -30.12 -20.64
C THR A 27 6.84 -31.53 -20.59
N GLY A 28 6.02 -32.55 -20.32
CA GLY A 28 6.50 -33.89 -20.14
C GLY A 28 6.86 -34.28 -18.73
N VAL A 29 6.79 -33.34 -17.77
CA VAL A 29 7.06 -33.69 -16.38
C VAL A 29 6.00 -34.63 -15.86
N GLN A 30 6.43 -35.60 -15.05
CA GLN A 30 5.56 -36.64 -14.53
C GLN A 30 4.99 -36.23 -13.18
N VAL A 31 3.67 -36.04 -13.11
CA VAL A 31 3.00 -35.61 -11.89
C VAL A 31 1.86 -36.57 -11.58
N GLN A 32 1.88 -37.15 -10.38
CA GLN A 32 0.69 -37.77 -9.79
C GLN A 32 -0.04 -36.68 -8.97
N TRP A 33 -1.14 -36.16 -9.50
CA TRP A 33 -1.92 -35.15 -8.77
C TRP A 33 -2.78 -35.81 -7.69
N ASP A 34 -2.72 -35.26 -6.48
CA ASP A 34 -3.51 -35.68 -5.33
C ASP A 34 -4.55 -34.59 -5.06
N THR A 35 -5.72 -34.72 -5.68
CA THR A 35 -6.73 -33.67 -5.65
C THR A 35 -7.41 -33.61 -4.28
N GLN A 36 -7.43 -32.41 -3.69
CA GLN A 36 -8.03 -32.17 -2.38
C GLN A 36 -8.82 -30.88 -2.44
N SER A 37 -9.71 -30.68 -1.46
CA SER A 37 -10.63 -29.56 -1.44
C SER A 37 -10.31 -28.60 -0.30
N ALA A 38 -10.50 -27.30 -0.53
CA ALA A 38 -10.28 -26.29 0.50
C ALA A 38 -11.09 -25.05 0.18
N GLY A 39 -11.24 -24.18 1.18
CA GLY A 39 -11.95 -22.92 0.98
C GLY A 39 -13.45 -23.12 0.88
N MET A 40 -14.11 -22.21 0.15
CA MET A 40 -15.56 -22.23 0.08
C MET A 40 -16.07 -23.52 -0.56
N ALA A 41 -15.35 -24.01 -1.57
CA ALA A 41 -15.73 -25.27 -2.18
C ALA A 41 -15.83 -26.36 -1.12
N ALA A 42 -14.85 -26.42 -0.20
CA ALA A 42 -14.88 -27.44 0.83
C ALA A 42 -16.03 -27.20 1.81
N VAL A 43 -16.31 -25.94 2.11
CA VAL A 43 -17.46 -25.64 2.96
C VAL A 43 -18.73 -26.18 2.31
N GLU A 44 -18.86 -25.99 1.00
CA GLU A 44 -20.09 -26.42 0.35
C GLU A 44 -20.15 -27.93 0.25
N LYS A 45 -19.00 -28.59 0.14
CA LYS A 45 -19.00 -30.02 -0.15
C LYS A 45 -18.89 -30.84 1.13
N PHE A 46 -18.06 -30.40 2.09
CA PHE A 46 -17.76 -31.15 3.30
C PHE A 46 -18.17 -30.43 4.58
N GLY A 47 -18.69 -29.21 4.51
CA GLY A 47 -19.06 -28.50 5.72
C GLY A 47 -17.91 -27.94 6.54
N THR A 48 -16.67 -27.97 6.03
CA THR A 48 -15.51 -27.36 6.69
C THR A 48 -14.61 -26.70 5.65
N PRO A 49 -14.00 -25.55 5.96
CA PRO A 49 -13.12 -24.91 4.96
C PRO A 49 -11.77 -25.60 4.78
N LEU A 50 -11.35 -26.46 5.70
CA LEU A 50 -10.06 -27.16 5.58
C LEU A 50 -10.23 -28.56 6.12
N PRO A 51 -10.70 -29.50 5.29
CA PRO A 51 -10.77 -30.90 5.74
C PRO A 51 -9.40 -31.37 6.20
N ASP A 52 -9.41 -32.19 7.26
CA ASP A 52 -8.17 -32.77 7.77
C ASP A 52 -7.41 -33.49 6.68
N ALA A 53 -8.12 -34.19 5.79
CA ALA A 53 -7.46 -34.96 4.74
C ALA A 53 -6.62 -34.07 3.82
N THR A 54 -7.06 -32.83 3.58
CA THR A 54 -6.28 -31.89 2.77
C THR A 54 -4.94 -31.58 3.42
N LEU A 55 -4.97 -31.26 4.71
CA LEU A 55 -3.74 -30.98 5.44
C LEU A 55 -2.84 -32.22 5.51
N ASP A 56 -3.43 -33.38 5.81
CA ASP A 56 -2.68 -34.63 5.83
C ASP A 56 -2.00 -34.88 4.49
N SER A 57 -2.72 -34.65 3.39
CA SER A 57 -2.16 -34.84 2.06
C SER A 57 -0.97 -33.91 1.81
N ILE A 58 -1.10 -32.64 2.20
CA ILE A 58 0.01 -31.72 1.98
C ILE A 58 1.22 -32.11 2.84
N ARG A 59 0.98 -32.52 4.08
CA ARG A 59 2.11 -32.88 4.91
C ARG A 59 2.76 -34.18 4.45
N ALA A 60 1.99 -35.06 3.79
CA ALA A 60 2.58 -36.26 3.21
C ALA A 60 3.41 -35.92 1.98
N ASN A 61 2.84 -35.15 1.05
CA ASN A 61 3.50 -34.89 -0.23
C ASN A 61 4.56 -33.80 -0.17
N ARG A 62 4.40 -32.80 0.70
CA ARG A 62 5.31 -31.68 0.94
C ARG A 62 5.21 -30.63 -0.17
N ILE A 63 4.44 -30.86 -1.24
CA ILE A 63 4.28 -29.90 -2.33
C ILE A 63 2.80 -29.76 -2.64
N CYS A 64 2.37 -28.52 -2.85
CA CYS A 64 0.96 -28.22 -3.06
C CYS A 64 0.82 -27.15 -4.13
N PHE A 65 -0.14 -27.36 -5.02
CA PHE A 65 -0.51 -26.43 -6.09
C PHE A 65 -1.94 -25.99 -5.78
N LYS A 66 -2.12 -24.70 -5.49
CA LYS A 66 -3.36 -24.23 -4.85
C LYS A 66 -3.97 -23.08 -5.63
N GLY A 67 -5.19 -23.27 -6.11
CA GLY A 67 -5.96 -22.19 -6.69
C GLY A 67 -6.38 -21.21 -5.61
N PRO A 68 -6.94 -20.06 -6.01
CA PRO A 68 -7.33 -19.05 -5.02
C PRO A 68 -8.45 -19.54 -4.12
N LEU A 69 -8.38 -19.18 -2.85
N LEU A 69 -8.38 -19.18 -2.85
CA LEU A 69 -9.37 -19.58 -1.86
CA LEU A 69 -9.37 -19.59 -1.87
C LEU A 69 -10.10 -18.34 -1.36
C LEU A 69 -10.10 -18.36 -1.36
N THR A 70 -11.44 -18.39 -1.40
CA THR A 70 -12.25 -17.29 -0.87
C THR A 70 -12.14 -17.21 0.65
N THR A 71 -11.93 -15.99 1.17
CA THR A 71 -12.04 -15.74 2.60
C THR A 71 -13.16 -14.75 2.86
N PRO A 72 -14.13 -15.08 3.73
CA PRO A 72 -15.22 -14.13 4.01
C PRO A 72 -14.75 -12.90 4.76
N VAL A 73 -15.43 -11.78 4.49
CA VAL A 73 -15.11 -10.47 5.05
C VAL A 73 -15.98 -10.21 6.28
N GLY A 74 -15.35 -9.74 7.35
CA GLY A 74 -16.07 -9.26 8.51
C GLY A 74 -16.50 -10.33 9.47
N GLY A 75 -16.32 -11.60 9.10
CA GLY A 75 -16.75 -12.71 9.93
C GLY A 75 -16.46 -13.99 9.17
N GLY A 76 -17.10 -15.08 9.59
CA GLY A 76 -16.85 -16.35 8.94
C GLY A 76 -15.46 -16.89 9.27
N TYR A 77 -15.10 -17.97 8.58
CA TYR A 77 -13.88 -18.70 8.90
C TYR A 77 -12.63 -17.86 8.58
N ARG A 78 -11.57 -18.11 9.33
N ARG A 78 -11.56 -18.13 9.32
CA ARG A 78 -10.29 -17.47 9.04
CA ARG A 78 -10.26 -17.53 9.05
C ARG A 78 -9.76 -17.98 7.70
C ARG A 78 -9.77 -17.99 7.68
N SER A 79 -9.00 -17.12 7.03
CA SER A 79 -8.39 -17.46 5.73
C SER A 79 -7.74 -18.82 5.76
N VAL A 80 -8.18 -19.69 4.83
CA VAL A 80 -7.51 -20.98 4.67
C VAL A 80 -6.10 -20.79 4.10
N ASN A 81 -5.89 -19.76 3.29
CA ASN A 81 -4.54 -19.49 2.79
C ASN A 81 -3.58 -19.28 3.95
N VAL A 82 -4.01 -18.47 4.92
CA VAL A 82 -3.18 -18.14 6.05
C VAL A 82 -3.01 -19.35 6.95
N THR A 83 -4.11 -20.08 7.20
CA THR A 83 -4.03 -21.29 8.01
C THR A 83 -3.04 -22.29 7.41
N LEU A 84 -3.11 -22.50 6.09
CA LEU A 84 -2.16 -23.40 5.43
C LEU A 84 -0.71 -22.91 5.64
N ARG A 85 -0.46 -21.62 5.35
CA ARG A 85 0.89 -21.08 5.51
C ARG A 85 1.42 -21.31 6.92
N GLN A 86 0.58 -21.10 7.93
CA GLN A 86 1.02 -21.22 9.31
C GLN A 86 1.13 -22.68 9.78
N ALA A 87 0.16 -23.52 9.41
CA ALA A 87 0.18 -24.93 9.79
C ALA A 87 1.38 -25.66 9.17
N LEU A 88 1.80 -25.25 7.98
CA LEU A 88 2.93 -25.87 7.32
C LEU A 88 4.24 -25.10 7.49
N ASN A 89 4.23 -24.04 8.32
CA ASN A 89 5.43 -23.24 8.59
C ASN A 89 6.06 -22.69 7.30
N LEU A 90 5.22 -22.23 6.37
CA LEU A 90 5.72 -21.69 5.11
C LEU A 90 5.98 -20.21 5.30
N TYR A 91 7.12 -19.91 5.95
CA TYR A 91 7.35 -18.57 6.45
C TYR A 91 7.79 -17.57 5.37
N ALA A 92 8.25 -18.01 4.20
CA ALA A 92 8.67 -17.09 3.16
C ALA A 92 7.67 -17.08 2.01
N ASN A 93 7.15 -15.91 1.66
CA ASN A 93 6.25 -15.76 0.52
C ASN A 93 7.03 -14.97 -0.53
N VAL A 94 7.39 -15.64 -1.61
CA VAL A 94 8.30 -15.10 -2.63
C VAL A 94 7.48 -14.77 -3.87
N ARG A 95 7.46 -13.48 -4.25
CA ARG A 95 6.62 -12.97 -5.33
C ARG A 95 7.42 -12.16 -6.33
N PRO A 96 7.87 -12.79 -7.43
CA PRO A 96 8.56 -12.03 -8.49
C PRO A 96 7.59 -11.21 -9.33
N ALA A 97 8.02 -10.00 -9.67
CA ALA A 97 7.32 -9.13 -10.62
C ALA A 97 8.35 -8.67 -11.66
N ILE A 98 8.31 -9.29 -12.83
CA ILE A 98 9.24 -9.03 -13.94
C ILE A 98 8.41 -8.73 -15.18
N SER A 99 8.64 -7.58 -15.80
CA SER A 99 7.83 -7.12 -16.93
C SER A 99 7.72 -8.18 -18.02
N PHE A 100 6.56 -8.22 -18.67
CA PHE A 100 6.29 -9.06 -19.84
C PHE A 100 6.27 -8.17 -21.06
N GLU A 101 7.16 -8.43 -22.02
CA GLU A 101 7.15 -7.69 -23.27
C GLU A 101 5.77 -7.78 -23.93
N GLY A 102 5.24 -6.62 -24.33
CA GLY A 102 3.98 -6.54 -25.03
C GLY A 102 2.82 -6.02 -24.22
N THR A 103 2.97 -5.86 -22.91
CA THR A 103 1.86 -5.38 -22.09
C THR A 103 1.66 -3.88 -22.29
N ASP A 104 0.41 -3.44 -22.11
CA ASP A 104 0.09 -2.01 -22.16
C ASP A 104 0.33 -1.42 -20.78
N THR A 105 1.61 -1.16 -20.48
CA THR A 105 2.04 -0.68 -19.19
C THR A 105 2.97 0.52 -19.36
N ALA A 106 2.98 1.40 -18.37
CA ALA A 106 3.92 2.52 -18.39
C ALA A 106 5.37 2.05 -18.40
N PHE A 107 5.67 0.98 -17.67
CA PHE A 107 7.04 0.51 -17.56
C PHE A 107 7.19 -0.82 -18.29
N SER A 108 8.40 -1.07 -18.78
CA SER A 108 8.73 -2.31 -19.47
C SER A 108 9.94 -3.00 -18.87
N ASP A 109 10.52 -2.43 -17.82
CA ASP A 109 11.75 -2.96 -17.25
C ASP A 109 11.64 -3.14 -15.74
N VAL A 110 10.47 -3.56 -15.23
CA VAL A 110 10.35 -3.89 -13.82
C VAL A 110 10.98 -5.26 -13.60
N ASN A 111 11.78 -5.39 -12.53
CA ASN A 111 12.43 -6.67 -12.24
C ASN A 111 12.70 -6.72 -10.73
N LEU A 112 11.68 -7.09 -9.96
CA LEU A 112 11.82 -7.08 -8.52
C LEU A 112 11.23 -8.35 -7.93
N VAL A 113 11.62 -8.67 -6.71
CA VAL A 113 11.06 -9.82 -5.99
C VAL A 113 10.70 -9.38 -4.58
N THR A 114 9.44 -9.58 -4.20
CA THR A 114 8.99 -9.33 -2.83
C THR A 114 9.14 -10.59 -1.99
N VAL A 115 9.80 -10.47 -0.86
CA VAL A 115 9.93 -11.52 0.14
C VAL A 115 9.13 -11.09 1.36
N ARG A 116 7.96 -11.70 1.53
CA ARG A 116 6.99 -11.31 2.55
C ARG A 116 6.99 -12.36 3.65
N GLU A 117 7.21 -11.89 4.88
CA GLU A 117 6.98 -12.75 6.05
C GLU A 117 5.55 -13.26 6.02
N ASN A 118 5.39 -14.55 6.24
CA ASN A 118 4.18 -15.23 5.83
C ASN A 118 3.39 -15.82 7.00
N THR A 119 3.87 -15.69 8.24
CA THR A 119 3.25 -16.40 9.35
C THR A 119 2.79 -15.53 10.50
N GLU A 120 3.23 -14.28 10.62
CA GLU A 120 2.83 -13.50 11.80
C GLU A 120 2.45 -12.06 11.42
N GLY A 121 2.89 -11.06 12.19
CA GLY A 121 2.46 -9.68 11.91
C GLY A 121 0.97 -9.53 12.14
N LEU A 122 0.30 -8.80 11.24
CA LEU A 122 -1.15 -8.61 11.39
C LEU A 122 -1.96 -9.82 10.92
N TYR A 123 -1.32 -10.93 10.57
CA TYR A 123 -2.00 -12.16 10.20
C TYR A 123 -1.99 -13.17 11.32
N ALA A 124 -1.52 -12.77 12.51
CA ALA A 124 -1.48 -13.68 13.65
C ALA A 124 -2.85 -14.20 14.07
N GLY A 125 -3.94 -13.55 13.66
CA GLY A 125 -5.24 -14.05 14.05
C GLY A 125 -5.65 -13.66 15.45
N ILE A 126 -5.13 -12.54 15.96
CA ILE A 126 -5.38 -12.11 17.33
C ILE A 126 -6.18 -10.82 17.27
N GLU A 127 -7.47 -10.91 17.59
CA GLU A 127 -8.36 -9.76 17.54
C GLU A 127 -9.52 -9.98 18.50
N HIS A 128 -10.20 -8.88 18.82
CA HIS A 128 -11.41 -8.99 19.63
C HIS A 128 -12.25 -7.75 19.44
N PHE A 129 -13.55 -7.90 19.70
CA PHE A 129 -14.43 -6.75 19.89
C PHE A 129 -14.40 -6.33 21.37
N ILE A 130 -14.64 -5.05 21.60
CA ILE A 130 -15.02 -4.54 22.91
C ILE A 130 -16.52 -4.24 22.86
N LYS A 131 -17.26 -4.95 23.70
CA LYS A 131 -18.71 -4.98 23.72
C LYS A 131 -19.20 -4.62 25.11
N VAL A 132 -20.39 -4.05 25.19
CA VAL A 132 -21.19 -4.14 26.39
C VAL A 132 -22.46 -4.85 25.99
N ASP A 133 -22.66 -6.04 26.56
CA ASP A 133 -23.70 -6.98 26.15
C ASP A 133 -23.46 -7.27 24.67
N GLU A 134 -24.40 -6.98 23.80
CA GLU A 134 -24.27 -7.34 22.40
C GLU A 134 -23.90 -6.14 21.53
N GLU A 135 -23.72 -4.97 22.13
CA GLU A 135 -23.35 -3.76 21.42
C GLU A 135 -21.83 -3.66 21.28
N LYS A 136 -21.36 -3.53 20.04
CA LYS A 136 -19.93 -3.37 19.77
C LYS A 136 -19.58 -1.90 19.84
N ILE A 137 -18.75 -1.52 20.81
CA ILE A 137 -18.34 -0.13 20.89
C ILE A 137 -16.96 0.09 20.28
N ALA A 138 -16.14 -0.97 20.18
CA ALA A 138 -14.81 -0.83 19.60
C ALA A 138 -14.30 -2.21 19.21
N ALA A 139 -13.13 -2.24 18.56
CA ALA A 139 -12.48 -3.50 18.17
C ALA A 139 -10.97 -3.27 18.18
N GLU A 140 -10.22 -4.37 18.39
CA GLU A 140 -8.76 -4.33 18.39
C GLU A 140 -8.19 -5.50 17.63
N SER A 141 -7.06 -5.26 16.98
CA SER A 141 -6.30 -6.26 16.25
C SER A 141 -4.84 -6.11 16.63
N ILE A 142 -4.18 -7.24 16.87
CA ILE A 142 -2.83 -7.24 17.40
C ILE A 142 -1.89 -7.75 16.32
N ALA A 143 -0.88 -6.95 15.97
CA ALA A 143 0.21 -7.43 15.13
C ALA A 143 1.30 -8.03 16.02
N VAL A 144 1.81 -9.20 15.63
CA VAL A 144 2.83 -9.90 16.40
C VAL A 144 4.10 -10.02 15.56
N VAL A 145 5.21 -9.56 16.12
CA VAL A 145 6.53 -9.76 15.54
C VAL A 145 7.40 -10.46 16.58
N THR A 146 7.98 -11.59 16.21
CA THR A 146 8.93 -12.32 17.04
C THR A 146 10.35 -12.13 16.48
N ARG A 147 11.33 -12.22 17.38
CA ARG A 147 12.73 -12.21 16.95
C ARG A 147 13.01 -13.30 15.93
N LYS A 148 12.53 -14.53 16.16
CA LYS A 148 12.99 -15.60 15.29
C LYS A 148 12.26 -15.58 13.95
N GLY A 149 10.99 -15.14 13.93
CA GLY A 149 10.31 -14.94 12.65
C GLY A 149 10.99 -13.90 11.79
N SER A 150 11.40 -12.78 12.39
CA SER A 150 12.09 -11.74 11.64
C SER A 150 13.45 -12.23 11.12
N GLU A 151 14.22 -12.87 12.00
CA GLU A 151 15.52 -13.41 11.61
C GLU A 151 15.41 -14.31 10.41
N ARG A 152 14.46 -15.25 10.44
CA ARG A 152 14.42 -16.22 9.36
C ARG A 152 13.94 -15.58 8.06
N ILE A 153 12.97 -14.65 8.10
CA ILE A 153 12.54 -14.05 6.83
C ILE A 153 13.63 -13.15 6.25
N ILE A 154 14.37 -12.43 7.10
CA ILE A 154 15.38 -11.53 6.55
C ILE A 154 16.59 -12.33 6.02
N ARG A 155 17.01 -13.37 6.75
CA ARG A 155 18.04 -14.25 6.20
C ARG A 155 17.58 -14.88 4.90
N TYR A 156 16.30 -15.31 4.81
CA TYR A 156 15.82 -15.86 3.56
C TYR A 156 15.97 -14.85 2.43
N ALA A 157 15.66 -13.58 2.68
CA ALA A 157 15.76 -12.58 1.63
C ALA A 157 17.22 -12.42 1.16
N PHE A 158 18.16 -12.35 2.10
CA PHE A 158 19.57 -12.22 1.70
C PHE A 158 20.08 -13.48 0.97
N ASP A 159 19.77 -14.67 1.50
CA ASP A 159 20.16 -15.91 0.83
C ASP A 159 19.57 -15.99 -0.56
N TYR A 160 18.31 -15.56 -0.72
CA TYR A 160 17.67 -15.57 -2.02
C TYR A 160 18.37 -14.62 -2.97
N ALA A 161 18.71 -13.42 -2.48
CA ALA A 161 19.45 -12.46 -3.29
C ALA A 161 20.77 -13.06 -3.79
N ARG A 162 21.52 -13.74 -2.91
CA ARG A 162 22.77 -14.39 -3.34
C ARG A 162 22.50 -15.45 -4.38
N ARG A 163 21.63 -16.41 -4.04
CA ARG A 163 21.35 -17.54 -4.92
C ARG A 163 20.83 -17.08 -6.28
N ALA A 164 20.07 -15.99 -6.32
CA ALA A 164 19.53 -15.47 -7.56
C ALA A 164 20.44 -14.44 -8.21
N ARG A 165 21.61 -14.19 -7.60
CA ARG A 165 22.58 -13.20 -8.10
C ARG A 165 21.95 -11.82 -8.23
N ARG A 166 21.15 -11.45 -7.24
CA ARG A 166 20.63 -10.10 -7.13
C ARG A 166 21.53 -9.29 -6.21
N LYS A 167 21.41 -7.98 -6.27
CA LYS A 167 22.41 -7.15 -5.67
C LYS A 167 21.97 -6.29 -4.50
N LYS A 168 20.66 -6.11 -4.27
CA LYS A 168 20.19 -5.23 -3.20
C LYS A 168 18.97 -5.82 -2.51
N VAL A 169 18.98 -5.74 -1.17
CA VAL A 169 17.81 -6.01 -0.33
C VAL A 169 17.35 -4.69 0.29
N THR A 170 16.08 -4.35 0.10
CA THR A 170 15.43 -3.20 0.73
C THR A 170 14.42 -3.70 1.75
N LEU A 171 14.62 -3.35 3.02
CA LEU A 171 13.67 -3.72 4.07
C LEU A 171 12.63 -2.61 4.21
N VAL A 172 11.35 -2.99 4.11
CA VAL A 172 10.26 -2.02 4.12
C VAL A 172 9.52 -2.09 5.46
N HIS A 173 9.24 -0.94 6.06
CA HIS A 173 8.78 -0.91 7.44
C HIS A 173 7.96 0.34 7.70
N LYS A 174 7.39 0.42 8.90
CA LYS A 174 6.78 1.65 9.41
C LYS A 174 7.25 1.87 10.85
N ALA A 175 8.57 1.91 11.02
CA ALA A 175 9.14 1.89 12.36
C ALA A 175 9.09 3.26 13.05
N ASN A 176 8.74 4.32 12.33
CA ASN A 176 8.51 5.58 13.02
C ASN A 176 7.22 5.55 13.83
N ILE A 177 6.20 4.85 13.35
CA ILE A 177 4.91 4.77 14.06
C ILE A 177 4.79 3.47 14.84
N LEU A 178 5.14 2.35 14.20
CA LEU A 178 5.13 1.03 14.84
C LEU A 178 6.53 0.78 15.39
N LYS A 179 6.81 1.46 16.51
CA LYS A 179 8.17 1.46 17.06
C LYS A 179 8.59 0.10 17.60
N CYS A 180 7.63 -0.69 18.11
CA CYS A 180 7.97 -1.98 18.69
C CYS A 180 8.05 -3.08 17.66
N THR A 181 7.00 -3.28 16.86
CA THR A 181 6.96 -4.39 15.92
C THR A 181 7.83 -4.11 14.69
N SER A 182 7.46 -3.08 13.93
CA SER A 182 8.28 -2.68 12.79
C SER A 182 9.70 -2.30 13.23
N GLY A 183 9.82 -1.64 14.38
CA GLY A 183 11.14 -1.26 14.88
C GLY A 183 12.04 -2.45 15.15
N LEU A 184 11.49 -3.50 15.79
CA LEU A 184 12.28 -4.72 16.01
C LEU A 184 12.62 -5.39 14.69
N PHE A 185 11.67 -5.45 13.76
CA PHE A 185 11.97 -5.98 12.43
C PHE A 185 13.15 -5.24 11.78
N LEU A 186 13.09 -3.90 11.78
CA LEU A 186 14.16 -3.09 11.19
C LEU A 186 15.51 -3.32 11.89
N GLU A 187 15.51 -3.32 13.22
CA GLU A 187 16.74 -3.50 13.98
C GLU A 187 17.38 -4.86 13.68
N ILE A 188 16.57 -5.91 13.65
CA ILE A 188 17.09 -7.23 13.31
C ILE A 188 17.63 -7.23 11.88
N GLY A 189 16.93 -6.59 10.94
CA GLY A 189 17.42 -6.52 9.58
C GLY A 189 18.78 -5.84 9.47
N ARG A 190 18.95 -4.73 10.19
CA ARG A 190 20.24 -4.04 10.19
C ARG A 190 21.34 -4.93 10.75
N GLU A 191 21.04 -5.71 11.80
CA GLU A 191 22.05 -6.60 12.33
C GLU A 191 22.41 -7.68 11.33
N ILE A 192 21.41 -8.30 10.71
CA ILE A 192 21.66 -9.42 9.80
C ILE A 192 22.36 -8.94 8.52
N ALA A 193 22.13 -7.69 8.10
CA ALA A 193 22.75 -7.18 6.89
C ALA A 193 24.27 -7.23 6.96
N LYS A 194 24.84 -7.11 8.17
CA LYS A 194 26.29 -7.12 8.33
C LYS A 194 26.87 -8.50 8.09
N GLU A 195 26.06 -9.55 8.14
CA GLU A 195 26.49 -10.89 7.76
C GLU A 195 26.56 -11.07 6.24
N TYR A 196 26.14 -10.07 5.46
CA TYR A 196 26.04 -10.20 4.01
C TYR A 196 26.67 -8.97 3.33
N PRO A 197 27.97 -8.73 3.54
CA PRO A 197 28.59 -7.51 2.97
C PRO A 197 28.60 -7.49 1.45
N ASP A 198 28.43 -8.65 0.79
CA ASP A 198 28.31 -8.68 -0.66
C ASP A 198 26.98 -8.12 -1.15
N ILE A 199 25.99 -7.99 -0.27
CA ILE A 199 24.64 -7.59 -0.66
C ILE A 199 24.41 -6.19 -0.13
N GLU A 200 23.86 -5.36 -1.00
CA GLU A 200 23.63 -3.96 -0.78
C GLU A 200 22.39 -3.90 0.15
N PHE A 201 22.39 -3.07 1.20
CA PHE A 201 21.25 -3.05 2.12
C PHE A 201 20.76 -1.63 2.38
N ASP A 202 19.44 -1.41 2.22
CA ASP A 202 18.82 -0.18 2.67
C ASP A 202 17.40 -0.46 3.19
N ASP A 203 16.73 0.60 3.65
CA ASP A 203 15.40 0.48 4.24
C ASP A 203 14.52 1.65 3.80
N ARG A 204 13.21 1.42 3.74
CA ARG A 204 12.26 2.44 3.31
C ARG A 204 11.01 2.35 4.18
N ILE A 205 10.45 3.52 4.50
CA ILE A 205 9.13 3.55 5.12
C ILE A 205 8.07 3.25 4.06
N VAL A 206 7.06 2.47 4.45
CA VAL A 206 6.17 1.82 3.48
C VAL A 206 5.45 2.82 2.57
N ASP A 207 5.06 4.00 3.08
CA ASP A 207 4.31 4.95 2.23
C ASP A 207 5.21 5.59 1.17
N ALA A 208 6.39 6.08 1.58
CA ALA A 208 7.36 6.57 0.59
C ALA A 208 7.75 5.46 -0.37
N CYS A 209 7.89 4.23 0.12
CA CYS A 209 8.22 3.10 -0.74
C CYS A 209 7.14 2.87 -1.81
N SER A 210 5.88 3.02 -1.43
N SER A 210 5.87 3.04 -1.45
CA SER A 210 4.80 2.87 -2.42
CA SER A 210 4.82 2.86 -2.45
C SER A 210 4.90 3.94 -3.50
C SER A 210 4.88 3.95 -3.51
N MET A 211 5.12 5.19 -3.08
CA MET A 211 5.32 6.28 -4.05
C MET A 211 6.48 5.94 -4.99
N GLN A 212 7.59 5.47 -4.44
CA GLN A 212 8.78 5.17 -5.24
C GLN A 212 8.50 4.02 -6.21
N MET A 213 7.71 3.03 -5.76
CA MET A 213 7.38 1.92 -6.65
C MET A 213 6.54 2.38 -7.84
N VAL A 214 5.61 3.31 -7.59
N VAL A 214 5.61 3.31 -7.62
CA VAL A 214 4.78 3.85 -8.66
CA VAL A 214 4.83 3.72 -8.80
C VAL A 214 5.65 4.62 -9.67
C VAL A 214 5.63 4.65 -9.72
N MET A 215 6.60 5.40 -9.18
CA MET A 215 7.31 6.36 -10.02
C MET A 215 8.56 5.83 -10.71
N GLN A 216 9.24 4.88 -10.10
CA GLN A 216 10.53 4.26 -10.35
C GLN A 216 10.76 2.88 -9.78
N PRO A 217 10.00 1.90 -10.29
CA PRO A 217 10.16 0.52 -9.80
C PRO A 217 11.52 -0.08 -10.14
N GLN A 218 12.26 0.50 -11.10
CA GLN A 218 13.57 -0.02 -11.45
C GLN A 218 14.57 0.09 -10.30
N ARG A 219 14.37 1.00 -9.36
CA ARG A 219 15.27 1.10 -8.23
C ARG A 219 15.22 -0.13 -7.33
N PHE A 220 14.21 -0.98 -7.47
CA PHE A 220 13.97 -2.05 -6.53
C PHE A 220 14.50 -3.38 -7.05
N ASP A 221 15.01 -4.18 -6.12
CA ASP A 221 15.59 -5.48 -6.41
C ASP A 221 14.88 -6.55 -5.59
N VAL A 222 15.39 -6.88 -4.41
CA VAL A 222 14.67 -7.69 -3.44
C VAL A 222 14.10 -6.76 -2.39
N LEU A 223 12.79 -6.88 -2.13
CA LEU A 223 12.14 -6.20 -1.01
C LEU A 223 11.89 -7.25 0.06
N VAL A 224 12.19 -6.94 1.31
CA VAL A 224 11.84 -7.84 2.41
C VAL A 224 10.96 -7.08 3.38
N THR A 225 9.86 -7.69 3.79
CA THR A 225 8.92 -6.94 4.61
C THR A 225 7.99 -7.89 5.34
N THR A 226 7.15 -7.30 6.18
CA THR A 226 6.23 -8.05 7.02
C THR A 226 4.95 -8.36 6.24
N ASN A 227 4.05 -9.13 6.87
CA ASN A 227 2.97 -9.83 6.20
C ASN A 227 2.06 -8.88 5.41
N LEU A 228 1.42 -7.93 6.11
CA LEU A 228 0.46 -7.05 5.42
C LEU A 228 1.16 -6.15 4.40
N PHE A 229 2.32 -5.59 4.76
CA PHE A 229 3.03 -4.73 3.81
C PHE A 229 3.43 -5.52 2.57
N GLY A 230 3.85 -6.78 2.75
CA GLY A 230 4.20 -7.60 1.60
C GLY A 230 3.01 -7.85 0.70
N ASP A 231 1.85 -8.12 1.30
CA ASP A 231 0.62 -8.27 0.53
C ASP A 231 0.34 -7.03 -0.33
N ILE A 232 0.39 -5.85 0.30
CA ILE A 232 0.02 -4.63 -0.40
C ILE A 232 1.03 -4.29 -1.50
N LEU A 233 2.32 -4.39 -1.16
CA LEU A 233 3.38 -4.02 -2.11
C LEU A 233 3.44 -4.96 -3.29
N SER A 234 3.26 -6.27 -3.04
CA SER A 234 3.28 -7.22 -4.14
C SER A 234 2.08 -7.03 -5.06
N ASP A 235 0.91 -6.59 -4.54
CA ASP A 235 -0.19 -6.29 -5.44
C ASP A 235 0.06 -5.01 -6.24
N LEU A 236 0.68 -4.01 -5.59
CA LEU A 236 1.12 -2.83 -6.33
C LEU A 236 2.04 -3.23 -7.50
N ALA A 237 3.02 -4.09 -7.23
CA ALA A 237 3.95 -4.54 -8.27
C ALA A 237 3.21 -5.29 -9.38
N ALA A 238 2.25 -6.14 -9.00
CA ALA A 238 1.45 -6.83 -9.99
C ALA A 238 0.78 -5.82 -10.91
N GLY A 239 0.21 -4.77 -10.33
CA GLY A 239 -0.34 -3.69 -11.14
C GLY A 239 0.68 -3.12 -12.10
N LEU A 240 1.91 -2.92 -11.62
CA LEU A 240 2.91 -2.29 -12.47
C LEU A 240 3.25 -3.12 -13.70
N ILE A 241 3.24 -4.46 -13.58
CA ILE A 241 3.63 -5.28 -14.74
C ILE A 241 2.42 -5.73 -15.55
N GLY A 242 1.23 -5.24 -15.24
CA GLY A 242 0.08 -5.50 -16.10
C GLY A 242 -1.07 -6.25 -15.45
N GLY A 243 -0.98 -6.61 -14.17
CA GLY A 243 -2.17 -7.01 -13.44
C GLY A 243 -1.94 -8.30 -12.65
N LEU A 244 -2.92 -8.55 -11.77
CA LEU A 244 -2.94 -9.74 -10.94
C LEU A 244 -3.06 -11.02 -11.75
N GLY A 245 -3.62 -10.92 -12.97
CA GLY A 245 -3.70 -12.07 -13.85
C GLY A 245 -2.36 -12.65 -14.24
N LEU A 246 -1.26 -11.95 -13.93
CA LEU A 246 0.06 -12.33 -14.39
C LEU A 246 0.99 -12.88 -13.32
N THR A 247 0.73 -12.66 -12.03
CA THR A 247 1.77 -12.77 -11.02
C THR A 247 1.56 -13.95 -10.08
N ALA A 248 2.66 -14.61 -9.72
CA ALA A 248 2.62 -15.83 -8.93
C ALA A 248 3.45 -15.68 -7.66
N GLY A 249 3.18 -16.56 -6.71
CA GLY A 249 3.85 -16.58 -5.43
C GLY A 249 4.17 -17.98 -4.98
N ALA A 250 5.32 -18.14 -4.34
CA ALA A 250 5.74 -19.39 -3.70
C ALA A 250 5.78 -19.21 -2.20
N ASN A 251 5.11 -20.10 -1.47
CA ASN A 251 5.15 -20.16 -0.01
C ASN A 251 6.13 -21.26 0.40
N ILE A 252 7.28 -20.86 0.94
CA ILE A 252 8.39 -21.76 1.24
C ILE A 252 8.59 -21.90 2.74
N GLY A 253 8.64 -23.14 3.20
CA GLY A 253 9.20 -23.50 4.48
C GLY A 253 10.33 -24.50 4.29
N THR A 254 10.95 -24.88 5.40
CA THR A 254 12.07 -25.82 5.32
C THR A 254 11.62 -27.19 4.82
N ASP A 255 10.38 -27.58 5.09
CA ASP A 255 9.92 -28.94 4.87
C ASP A 255 8.79 -29.04 3.85
N ALA A 256 8.33 -27.93 3.29
CA ALA A 256 7.18 -27.98 2.40
C ALA A 256 7.14 -26.70 1.59
N ALA A 257 6.37 -26.74 0.51
CA ALA A 257 6.23 -25.59 -0.37
C ALA A 257 4.86 -25.64 -1.03
N LEU A 258 4.25 -24.47 -1.18
CA LEU A 258 2.92 -24.34 -1.75
C LEU A 258 2.91 -23.20 -2.76
N PHE A 259 2.47 -23.49 -3.98
CA PHE A 259 2.60 -22.53 -5.07
C PHE A 259 1.22 -22.06 -5.51
N GLU A 260 1.08 -20.76 -5.80
CA GLU A 260 -0.24 -20.23 -6.07
C GLU A 260 -0.16 -18.95 -6.89
N ALA A 261 -1.28 -18.57 -7.50
CA ALA A 261 -1.40 -17.22 -8.00
C ALA A 261 -1.49 -16.22 -6.84
N VAL A 262 -1.10 -14.99 -7.13
CA VAL A 262 -1.23 -13.91 -6.15
C VAL A 262 -2.68 -13.46 -5.99
N HIS A 263 -3.46 -13.57 -7.06
CA HIS A 263 -4.79 -13.01 -7.07
C HIS A 263 -5.76 -13.90 -6.30
N GLY A 264 -6.98 -13.42 -6.13
CA GLY A 264 -8.03 -14.15 -5.45
C GLY A 264 -8.98 -14.89 -6.39
N SER A 265 -10.15 -15.23 -5.85
CA SER A 265 -11.11 -16.04 -6.59
C SER A 265 -11.93 -15.23 -7.60
N ALA A 266 -11.74 -13.92 -7.67
CA ALA A 266 -12.36 -13.03 -8.67
C ALA A 266 -13.84 -13.35 -8.88
N PRO A 267 -14.70 -13.13 -7.88
CA PRO A 267 -16.12 -13.46 -8.06
C PRO A 267 -16.79 -12.64 -9.16
N ASP A 268 -16.28 -11.45 -9.49
CA ASP A 268 -16.93 -10.65 -10.52
C ASP A 268 -16.85 -11.30 -11.91
N ILE A 269 -15.89 -12.20 -12.15
CA ILE A 269 -15.77 -12.86 -13.44
C ILE A 269 -15.80 -14.38 -13.32
N ALA A 270 -16.15 -14.91 -12.15
CA ALA A 270 -16.22 -16.36 -12.00
C ALA A 270 -17.28 -16.91 -12.95
N ASP A 271 -16.97 -18.03 -13.59
CA ASP A 271 -17.88 -18.71 -14.50
C ASP A 271 -18.12 -17.96 -15.81
N LYS A 272 -17.39 -16.87 -16.06
CA LYS A 272 -17.45 -16.20 -17.36
C LYS A 272 -16.40 -16.74 -18.33
N GLY A 273 -15.47 -17.56 -17.86
CA GLY A 273 -14.47 -18.15 -18.73
C GLY A 273 -13.45 -17.20 -19.34
N ILE A 274 -13.22 -16.03 -18.74
CA ILE A 274 -12.33 -15.02 -19.30
C ILE A 274 -11.11 -14.73 -18.43
N ALA A 275 -11.00 -15.35 -17.25
CA ALA A 275 -9.87 -15.10 -16.37
C ALA A 275 -8.53 -15.41 -17.06
N ASN A 276 -7.55 -14.54 -16.82
CA ASN A 276 -6.19 -14.76 -17.28
C ASN A 276 -5.56 -15.92 -16.53
N PRO A 277 -5.10 -16.97 -17.20
CA PRO A 277 -4.47 -18.10 -16.50
C PRO A 277 -2.98 -17.95 -16.29
N THR A 278 -2.41 -16.83 -16.73
CA THR A 278 -0.96 -16.63 -16.68
C THR A 278 -0.42 -16.80 -15.26
N ALA A 279 -1.06 -16.17 -14.28
CA ALA A 279 -0.57 -16.23 -12.91
C ALA A 279 -0.49 -17.67 -12.42
N MET A 280 -1.55 -18.45 -12.65
CA MET A 280 -1.53 -19.85 -12.22
C MET A 280 -0.47 -20.64 -12.98
N ILE A 281 -0.30 -20.35 -14.27
CA ILE A 281 0.72 -21.06 -15.06
C ILE A 281 2.12 -20.72 -14.55
N MET A 282 2.37 -19.45 -14.21
CA MET A 282 3.66 -19.04 -13.65
C MET A 282 3.88 -19.66 -12.28
N ALA A 283 2.81 -19.81 -11.48
CA ALA A 283 2.93 -20.56 -10.23
C ALA A 283 3.40 -21.98 -10.50
N GLY A 284 2.84 -22.60 -11.55
CA GLY A 284 3.32 -23.90 -11.98
C GLY A 284 4.79 -23.89 -12.33
N ALA A 285 5.23 -22.87 -13.07
CA ALA A 285 6.65 -22.76 -13.38
C ALA A 285 7.50 -22.72 -12.11
N MET A 286 7.11 -21.87 -11.15
CA MET A 286 7.87 -21.76 -9.91
C MET A 286 7.90 -23.10 -9.18
N MET A 287 6.76 -23.81 -9.17
CA MET A 287 6.70 -25.13 -8.55
C MET A 287 7.65 -26.11 -9.25
N LEU A 288 7.63 -26.12 -10.58
CA LEU A 288 8.51 -27.03 -11.32
C LEU A 288 9.97 -26.77 -11.00
N GLU A 289 10.36 -25.50 -10.97
CA GLU A 289 11.73 -25.15 -10.60
C GLU A 289 12.07 -25.66 -9.20
N HIS A 290 11.17 -25.43 -8.24
CA HIS A 290 11.43 -25.87 -6.87
C HIS A 290 11.68 -27.38 -6.77
N ILE A 291 10.93 -28.19 -7.52
CA ILE A 291 11.01 -29.64 -7.35
C ILE A 291 12.06 -30.25 -8.27
N GLY A 292 12.91 -29.41 -8.86
CA GLY A 292 14.03 -29.90 -9.64
C GLY A 292 13.69 -30.15 -11.09
N GLU A 293 12.86 -29.31 -11.69
CA GLU A 293 12.54 -29.37 -13.11
C GLU A 293 12.75 -27.99 -13.75
N PRO A 294 13.97 -27.44 -13.65
CA PRO A 294 14.17 -26.05 -14.10
C PRO A 294 13.97 -25.83 -15.58
N ASP A 295 14.30 -26.81 -16.42
CA ASP A 295 14.15 -26.63 -17.85
C ASP A 295 12.68 -26.55 -18.24
N ALA A 296 11.84 -27.45 -17.70
CA ALA A 296 10.40 -27.36 -17.91
C ALA A 296 9.84 -26.02 -17.43
N ALA A 297 10.30 -25.55 -16.27
CA ALA A 297 9.89 -24.24 -15.77
C ALA A 297 10.24 -23.13 -16.76
N ARG A 298 11.47 -23.17 -17.28
CA ARG A 298 11.91 -22.12 -18.22
C ARG A 298 11.12 -22.20 -19.52
N ARG A 299 10.79 -23.41 -19.96
CA ARG A 299 9.98 -23.59 -21.17
C ARG A 299 8.56 -23.05 -20.98
N ILE A 300 7.96 -23.31 -19.81
CA ILE A 300 6.66 -22.71 -19.51
C ILE A 300 6.76 -21.19 -19.57
N GLU A 301 7.79 -20.62 -18.94
CA GLU A 301 7.88 -19.15 -18.89
C GLU A 301 8.09 -18.56 -20.27
N ARG A 302 8.94 -19.18 -21.09
N ARG A 302 8.96 -19.17 -21.07
CA ARG A 302 9.14 -18.67 -22.45
CA ARG A 302 9.18 -18.74 -22.45
C ARG A 302 7.87 -18.78 -23.28
C ARG A 302 7.89 -18.79 -23.26
N ALA A 303 7.12 -19.87 -23.12
CA ALA A 303 5.87 -20.01 -23.86
C ALA A 303 4.88 -18.92 -23.47
N VAL A 304 4.74 -18.65 -22.16
CA VAL A 304 3.85 -17.58 -21.72
C VAL A 304 4.27 -16.24 -22.30
N ARG A 305 5.57 -15.94 -22.22
CA ARG A 305 6.05 -14.66 -22.74
C ARG A 305 5.81 -14.54 -24.24
N GLU A 306 6.04 -15.62 -25.00
CA GLU A 306 5.79 -15.59 -26.43
C GLU A 306 4.31 -15.32 -26.72
N VAL A 307 3.41 -15.98 -26.00
CA VAL A 307 2.00 -15.78 -26.27
C VAL A 307 1.56 -14.36 -25.93
N ILE A 308 2.08 -13.80 -24.84
CA ILE A 308 1.65 -12.45 -24.45
C ILE A 308 2.25 -11.41 -25.40
N GLU A 309 3.51 -11.60 -25.80
CA GLU A 309 4.14 -10.71 -26.77
C GLU A 309 3.40 -10.74 -28.10
N ASP A 310 3.02 -11.93 -28.56
CA ASP A 310 2.25 -12.03 -29.81
C ASP A 310 0.94 -11.25 -29.71
N GLY A 311 0.18 -11.46 -28.64
CA GLY A 311 -0.99 -10.64 -28.36
C GLY A 311 -2.27 -11.03 -29.06
N ARG A 312 -2.31 -12.16 -29.76
CA ARG A 312 -3.53 -12.50 -30.49
C ARG A 312 -4.44 -13.45 -29.74
N SER A 313 -3.91 -14.35 -28.94
CA SER A 313 -4.73 -15.19 -28.09
C SER A 313 -4.53 -14.85 -26.61
N VAL A 314 -4.89 -13.63 -26.19
CA VAL A 314 -4.76 -13.26 -24.79
C VAL A 314 -6.13 -12.84 -24.26
N THR A 315 -6.28 -12.95 -22.94
CA THR A 315 -7.55 -12.71 -22.27
C THR A 315 -7.82 -11.20 -22.17
N PRO A 316 -9.08 -10.81 -21.94
CA PRO A 316 -9.45 -9.39 -22.00
C PRO A 316 -8.72 -8.48 -21.00
N ASP A 317 -8.21 -9.00 -19.89
CA ASP A 317 -7.46 -8.15 -18.97
C ASP A 317 -6.19 -7.61 -19.63
N LEU A 318 -5.65 -8.32 -20.61
CA LEU A 318 -4.43 -7.85 -21.25
C LEU A 318 -4.73 -7.00 -22.47
N ALA A 319 -5.72 -7.38 -23.25
CA ALA A 319 -6.18 -6.56 -24.37
C ALA A 319 -7.66 -6.83 -24.61
N LYS A 320 -8.49 -5.80 -24.48
CA LYS A 320 -9.86 -5.92 -24.97
C LYS A 320 -9.95 -5.59 -26.46
N ASP A 321 -8.84 -5.76 -27.18
CA ASP A 321 -8.69 -5.37 -28.58
C ASP A 321 -9.24 -6.46 -29.50
N SER A 322 -8.65 -7.66 -29.41
CA SER A 322 -9.17 -8.86 -30.07
C SER A 322 -9.10 -9.99 -29.05
N PRO A 323 -9.98 -9.97 -28.05
CA PRO A 323 -9.82 -10.88 -26.91
C PRO A 323 -10.45 -12.25 -27.08
N CYS A 324 -9.83 -13.21 -26.40
CA CYS A 324 -10.30 -14.58 -26.23
C CYS A 324 -10.48 -14.91 -24.74
N GLY A 325 -10.80 -16.18 -24.46
CA GLY A 325 -11.04 -16.64 -23.12
C GLY A 325 -9.90 -17.48 -22.53
N THR A 326 -10.16 -17.95 -21.30
CA THR A 326 -9.17 -18.72 -20.54
C THR A 326 -8.64 -19.91 -21.34
N ALA A 327 -9.56 -20.69 -21.94
CA ALA A 327 -9.17 -21.93 -22.61
C ALA A 327 -8.32 -21.68 -23.87
N GLN A 328 -8.73 -20.74 -24.77
CA GLN A 328 -7.79 -20.18 -25.78
C GLN A 328 -6.38 -20.04 -25.29
N MET A 329 -6.23 -19.08 -24.38
CA MET A 329 -4.92 -18.66 -23.98
C MET A 329 -4.12 -19.85 -23.46
N ALA A 330 -4.80 -20.74 -22.73
CA ALA A 330 -4.12 -21.95 -22.27
C ALA A 330 -3.66 -22.81 -23.45
N GLU A 331 -4.50 -22.97 -24.49
CA GLU A 331 -4.09 -23.80 -25.64
C GLU A 331 -2.94 -23.17 -26.38
N ALA A 332 -2.97 -21.84 -26.55
CA ALA A 332 -1.83 -21.13 -27.16
C ALA A 332 -0.54 -21.38 -26.39
N ILE A 333 -0.62 -21.32 -25.06
CA ILE A 333 0.57 -21.56 -24.27
C ILE A 333 1.02 -23.00 -24.39
N VAL A 334 0.08 -23.95 -24.41
CA VAL A 334 0.44 -25.38 -24.56
C VAL A 334 1.18 -25.59 -25.87
N GLU A 335 0.65 -25.01 -26.95
CA GLU A 335 1.25 -25.16 -28.26
C GLU A 335 2.67 -24.57 -28.27
N ARG A 336 2.87 -23.42 -27.61
CA ARG A 336 4.21 -22.80 -27.55
C ARG A 336 5.16 -23.57 -26.65
N VAL A 337 4.67 -24.09 -25.51
CA VAL A 337 5.50 -24.91 -24.65
C VAL A 337 6.07 -26.03 -25.48
N ARG A 338 5.29 -26.42 -26.46
CA ARG A 338 5.40 -27.79 -26.85
C ARG A 338 6.25 -27.87 -28.14
N GLN A 339 6.63 -26.70 -28.66
CA GLN A 339 7.74 -26.50 -29.56
C GLN A 339 8.90 -25.97 -28.70
N MET B 1 -6.55 39.93 9.72
N MET B 1 -6.53 39.86 9.68
CA MET B 1 -7.86 39.28 9.72
CA MET B 1 -7.87 39.27 9.61
C MET B 1 -7.76 37.83 10.18
C MET B 1 -7.82 37.78 10.01
N HIS B 2 -6.65 37.16 9.87
CA HIS B 2 -6.47 35.74 10.19
C HIS B 2 -5.21 35.56 11.02
N LYS B 3 -5.36 34.99 12.21
CA LYS B 3 -4.22 34.61 13.05
C LYS B 3 -4.02 33.10 12.95
N ILE B 4 -2.84 32.68 12.51
CA ILE B 4 -2.58 31.28 12.15
C ILE B 4 -1.25 30.87 12.77
N THR B 5 -1.25 29.73 13.47
CA THR B 5 -0.01 29.19 14.02
C THR B 5 0.85 28.63 12.89
N LEU B 6 2.14 28.96 12.89
CA LEU B 6 3.03 28.61 11.78
C LEU B 6 4.21 27.81 12.31
N ILE B 7 4.40 26.61 11.78
CA ILE B 7 5.44 25.69 12.26
C ILE B 7 6.36 25.35 11.10
N PRO B 8 7.56 25.94 11.04
CA PRO B 8 8.42 25.72 9.86
C PRO B 8 8.86 24.28 9.70
N GLY B 9 9.11 23.57 10.80
CA GLY B 9 9.40 22.15 10.76
C GLY B 9 10.86 21.76 10.50
N ASP B 10 11.05 20.59 9.92
CA ASP B 10 12.34 19.94 9.86
C ASP B 10 12.77 19.76 8.41
N GLY B 11 14.08 19.64 8.22
CA GLY B 11 14.62 19.32 6.90
C GLY B 11 14.23 20.34 5.86
N ILE B 12 13.57 19.91 4.79
CA ILE B 12 13.17 20.87 3.76
C ILE B 12 12.06 21.78 4.24
N GLY B 13 11.49 21.53 5.42
CA GLY B 13 10.38 22.28 5.94
C GLY B 13 10.50 23.79 5.83
N PRO B 14 11.49 24.37 6.52
CA PRO B 14 11.60 25.85 6.52
C PRO B 14 11.62 26.49 5.14
N SER B 15 12.33 25.92 4.18
N SER B 15 12.32 25.92 4.17
CA SER B 15 12.36 26.48 2.83
CA SER B 15 12.34 26.53 2.84
C SER B 15 10.94 26.52 2.25
C SER B 15 10.96 26.52 2.20
N ILE B 16 10.30 25.34 2.12
CA ILE B 16 9.01 25.26 1.45
C ILE B 16 7.95 26.08 2.20
N VAL B 17 8.00 26.09 3.53
CA VAL B 17 7.03 26.90 4.26
C VAL B 17 7.26 28.37 3.93
N ASP B 18 8.54 28.78 3.86
CA ASP B 18 8.84 30.15 3.45
C ASP B 18 8.20 30.43 2.10
N ALA B 19 8.44 29.54 1.14
CA ALA B 19 7.85 29.68 -0.19
C ALA B 19 6.34 29.85 -0.09
N ALA B 20 5.70 28.96 0.68
CA ALA B 20 4.24 28.99 0.72
C ALA B 20 3.75 30.28 1.34
N VAL B 21 4.44 30.75 2.39
CA VAL B 21 4.01 31.99 3.02
C VAL B 21 4.07 33.12 2.00
N LYS B 22 5.15 33.15 1.21
CA LYS B 22 5.25 34.19 0.19
C LYS B 22 4.09 34.10 -0.78
N VAL B 23 3.75 32.88 -1.21
CA VAL B 23 2.66 32.73 -2.16
C VAL B 23 1.35 33.18 -1.52
N ILE B 24 1.13 32.80 -0.25
CA ILE B 24 -0.10 33.22 0.40
C ILE B 24 -0.16 34.74 0.48
N GLU B 25 0.98 35.36 0.83
CA GLU B 25 0.96 36.80 0.98
C GLU B 25 0.76 37.49 -0.37
N ALA B 26 1.16 36.84 -1.46
CA ALA B 26 0.96 37.45 -2.77
C ALA B 26 -0.51 37.62 -3.11
N THR B 27 -1.41 36.86 -2.47
CA THR B 27 -2.83 36.95 -2.80
C THR B 27 -3.50 38.18 -2.19
N GLY B 28 -2.84 38.85 -1.26
CA GLY B 28 -3.44 39.97 -0.55
C GLY B 28 -4.18 39.59 0.71
N VAL B 29 -4.30 38.30 1.02
CA VAL B 29 -4.94 37.91 2.26
C VAL B 29 -4.09 38.35 3.44
N GLN B 30 -4.77 38.84 4.48
CA GLN B 30 -4.12 39.37 5.67
C GLN B 30 -3.95 38.25 6.68
N VAL B 31 -2.71 37.90 7.00
CA VAL B 31 -2.42 36.84 7.95
C VAL B 31 -1.46 37.37 9.01
N GLN B 32 -1.84 37.23 10.27
CA GLN B 32 -0.93 37.33 11.39
C GLN B 32 -0.39 35.94 11.70
N TRP B 33 0.87 35.67 11.33
CA TRP B 33 1.51 34.39 11.63
C TRP B 33 1.99 34.34 13.09
N ASP B 34 1.67 33.24 13.77
CA ASP B 34 2.10 32.95 15.14
C ASP B 34 3.14 31.82 15.07
N THR B 35 4.41 32.18 14.95
CA THR B 35 5.46 31.20 14.69
C THR B 35 5.78 30.39 15.94
N GLN B 36 5.75 29.08 15.81
CA GLN B 36 6.00 28.15 16.91
C GLN B 36 6.91 27.05 16.42
N SER B 37 7.50 26.32 17.36
CA SER B 37 8.48 25.29 17.06
C SER B 37 7.92 23.91 17.39
N ALA B 38 8.31 22.92 16.58
CA ALA B 38 7.90 21.54 16.82
C ALA B 38 8.87 20.58 16.14
N GLY B 39 8.79 19.32 16.54
CA GLY B 39 9.59 18.28 15.90
C GLY B 39 11.05 18.34 16.31
N MET B 40 11.93 17.87 15.42
CA MET B 40 13.34 17.79 15.76
C MET B 40 13.91 19.17 16.04
N ALA B 41 13.45 20.19 15.32
CA ALA B 41 13.87 21.56 15.61
C ALA B 41 13.60 21.91 17.06
N ALA B 42 12.40 21.57 17.54
CA ALA B 42 12.08 21.87 18.93
C ALA B 42 12.92 21.02 19.87
N VAL B 43 13.20 19.76 19.50
CA VAL B 43 14.08 18.96 20.33
C VAL B 43 15.44 19.64 20.45
N GLU B 44 15.93 20.17 19.32
CA GLU B 44 17.25 20.77 19.37
C GLU B 44 17.22 22.06 20.17
N LYS B 45 16.10 22.76 20.15
CA LYS B 45 16.08 24.09 20.73
C LYS B 45 15.54 24.11 22.15
N PHE B 46 14.49 23.34 22.42
CA PHE B 46 13.80 23.39 23.69
C PHE B 46 13.87 22.08 24.45
N GLY B 47 14.50 21.05 23.89
CA GLY B 47 14.58 19.76 24.54
C GLY B 47 13.32 18.95 24.56
N THR B 48 12.26 19.37 23.86
CA THR B 48 11.00 18.64 23.76
C THR B 48 10.48 18.71 22.32
N PRO B 49 9.89 17.62 21.81
CA PRO B 49 9.39 17.68 20.43
C PRO B 49 8.12 18.50 20.27
N LEU B 50 7.41 18.81 21.35
CA LEU B 50 6.17 19.57 21.27
C LEU B 50 6.07 20.49 22.49
N PRO B 51 6.67 21.67 22.42
CA PRO B 51 6.52 22.64 23.52
C PRO B 51 5.06 22.92 23.80
N ASP B 52 4.74 23.08 25.09
CA ASP B 52 3.38 23.46 25.48
C ASP B 52 2.91 24.71 24.76
N ALA B 53 3.82 25.68 24.57
CA ALA B 53 3.42 26.94 23.93
C ALA B 53 2.93 26.71 22.49
N THR B 54 3.52 25.75 21.78
CA THR B 54 3.08 25.45 20.43
C THR B 54 1.62 24.97 20.41
N LEU B 55 1.32 24.02 21.29
CA LEU B 55 -0.04 23.48 21.39
C LEU B 55 -1.03 24.54 21.90
N ASP B 56 -0.63 25.33 22.91
CA ASP B 56 -1.47 26.43 23.36
C ASP B 56 -1.81 27.37 22.22
N SER B 57 -0.80 27.71 21.39
CA SER B 57 -1.01 28.59 20.25
C SER B 57 -2.03 27.99 19.29
N ILE B 58 -1.91 26.70 18.99
CA ILE B 58 -2.89 26.11 18.06
C ILE B 58 -4.28 26.07 18.68
N ARG B 59 -4.38 25.78 19.98
CA ARG B 59 -5.70 25.74 20.58
C ARG B 59 -6.34 27.12 20.64
N ALA B 60 -5.54 28.18 20.73
CA ALA B 60 -6.09 29.54 20.68
C ALA B 60 -6.50 29.92 19.26
N ASN B 61 -5.61 29.71 18.28
CA ASN B 61 -5.87 30.17 16.92
C ASN B 61 -6.83 29.28 16.15
N ARG B 62 -6.82 27.98 16.39
CA ARG B 62 -7.69 26.97 15.78
C ARG B 62 -7.25 26.65 14.35
N ILE B 63 -6.24 27.34 13.81
CA ILE B 63 -5.74 27.11 12.46
C ILE B 63 -4.23 27.02 12.54
N CYS B 64 -3.66 26.03 11.85
CA CYS B 64 -2.22 25.82 11.89
C CYS B 64 -1.72 25.45 10.50
N PHE B 65 -0.60 26.03 10.12
CA PHE B 65 0.11 25.76 8.87
C PHE B 65 1.46 25.15 9.26
N LYS B 66 1.68 23.87 8.93
CA LYS B 66 2.74 23.07 9.56
C LYS B 66 3.61 22.40 8.51
N GLY B 67 4.90 22.74 8.48
CA GLY B 67 5.82 22.03 7.63
C GLY B 67 6.04 20.62 8.13
N PRO B 68 6.76 19.82 7.34
CA PRO B 68 6.96 18.42 7.73
C PRO B 68 7.77 18.30 9.01
N LEU B 69 7.44 17.27 9.80
CA LEU B 69 8.03 17.04 11.12
C LEU B 69 8.67 15.66 11.13
N THR B 70 9.96 15.60 11.45
CA THR B 70 10.68 14.34 11.54
C THR B 70 10.18 13.49 12.71
N THR B 71 9.95 12.19 12.48
CA THR B 71 9.74 11.21 13.54
C THR B 71 10.85 10.17 13.54
N PRO B 72 11.51 9.94 14.68
CA PRO B 72 12.57 8.92 14.73
C PRO B 72 12.03 7.51 14.54
N VAL B 73 12.85 6.66 13.92
CA VAL B 73 12.48 5.27 13.62
C VAL B 73 12.99 4.33 14.71
N GLY B 74 12.13 3.44 15.18
CA GLY B 74 12.52 2.37 16.09
C GLY B 74 12.57 2.76 17.54
N GLY B 75 12.40 4.03 17.84
CA GLY B 75 12.49 4.50 19.20
C GLY B 75 12.28 6.00 19.18
N GLY B 76 12.68 6.66 20.25
CA GLY B 76 12.51 8.10 20.30
C GLY B 76 11.06 8.52 20.46
N TYR B 77 10.85 9.83 20.34
CA TYR B 77 9.54 10.37 20.63
C TYR B 77 8.51 9.90 19.59
N ARG B 78 7.25 9.82 20.02
CA ARG B 78 6.15 9.53 19.14
C ARG B 78 5.91 10.69 18.20
N SER B 79 5.46 10.38 16.98
CA SER B 79 5.21 11.37 15.95
C SER B 79 4.46 12.56 16.50
N VAL B 80 5.03 13.75 16.31
CA VAL B 80 4.34 14.99 16.69
C VAL B 80 3.16 15.25 15.77
N ASN B 81 3.27 14.83 14.50
CA ASN B 81 2.13 14.97 13.59
C ASN B 81 0.91 14.26 14.14
N VAL B 82 1.13 13.03 14.62
CA VAL B 82 0.05 12.22 15.16
C VAL B 82 -0.48 12.81 16.46
N THR B 83 0.43 13.21 17.35
CA THR B 83 0.02 13.82 18.61
C THR B 83 -0.85 15.06 18.35
N LEU B 84 -0.42 15.90 17.42
CA LEU B 84 -1.21 17.08 17.06
C LEU B 84 -2.59 16.68 16.58
N ARG B 85 -2.65 15.72 15.65
CA ARG B 85 -3.95 15.28 15.14
C ARG B 85 -4.86 14.83 16.27
N GLN B 86 -4.31 14.06 17.22
CA GLN B 86 -5.12 13.49 18.28
C GLN B 86 -5.50 14.54 19.35
N ALA B 87 -4.55 15.40 19.73
CA ALA B 87 -4.82 16.42 20.74
C ALA B 87 -5.85 17.44 20.28
N LEU B 88 -5.90 17.73 18.99
CA LEU B 88 -6.85 18.71 18.47
C LEU B 88 -8.08 18.05 17.84
N ASN B 89 -8.20 16.72 17.95
CA ASN B 89 -9.36 15.98 17.42
C ASN B 89 -9.56 16.21 15.93
N LEU B 90 -8.47 16.22 15.18
CA LEU B 90 -8.54 16.43 13.73
C LEU B 90 -8.73 15.06 13.09
N TYR B 91 -9.97 14.57 13.14
CA TYR B 91 -10.21 13.18 12.80
C TYR B 91 -10.24 12.92 11.30
N ALA B 92 -10.40 13.94 10.45
CA ALA B 92 -10.46 13.72 9.00
C ALA B 92 -9.19 14.23 8.36
N ASN B 93 -8.48 13.37 7.62
CA ASN B 93 -7.28 13.77 6.88
C ASN B 93 -7.67 13.69 5.40
N VAL B 94 -7.83 14.84 4.75
CA VAL B 94 -8.38 14.95 3.41
C VAL B 94 -7.24 15.24 2.46
N ARG B 95 -6.98 14.32 1.52
CA ARG B 95 -5.82 14.37 0.63
C ARG B 95 -6.27 14.25 -0.82
N PRO B 96 -6.45 15.38 -1.51
CA PRO B 96 -6.79 15.33 -2.93
C PRO B 96 -5.57 15.01 -3.80
N ALA B 97 -5.79 14.15 -4.80
CA ALA B 97 -4.79 13.83 -5.83
C ALA B 97 -5.47 14.06 -7.18
N ILE B 98 -5.19 15.22 -7.78
CA ILE B 98 -5.80 15.68 -9.03
C ILE B 98 -4.69 16.06 -10.00
N SER B 99 -4.70 15.46 -11.19
CA SER B 99 -3.60 15.58 -12.15
C SER B 99 -3.26 17.03 -12.46
N PHE B 100 -1.96 17.30 -12.65
CA PHE B 100 -1.44 18.59 -13.07
C PHE B 100 -1.02 18.46 -14.53
N GLU B 101 -1.66 19.24 -15.39
CA GLU B 101 -1.26 19.27 -16.80
C GLU B 101 0.23 19.59 -16.92
N GLY B 102 0.92 18.79 -17.72
CA GLY B 102 2.33 19.00 -17.99
C GLY B 102 3.27 18.04 -17.29
N THR B 103 2.79 17.23 -16.35
CA THR B 103 3.69 16.31 -15.65
C THR B 103 4.10 15.16 -16.55
N ASP B 104 5.28 14.62 -16.26
CA ASP B 104 5.79 13.44 -16.95
C ASP B 104 5.26 12.20 -16.25
N THR B 105 3.99 11.91 -16.47
CA THR B 105 3.28 10.83 -15.80
C THR B 105 2.55 9.97 -16.81
N ALA B 106 2.39 8.69 -16.50
CA ALA B 106 1.62 7.81 -17.37
C ALA B 106 0.18 8.31 -17.51
N PHE B 107 -0.40 8.86 -16.44
CA PHE B 107 -1.79 9.31 -16.48
C PHE B 107 -1.87 10.83 -16.38
N SER B 108 -2.92 11.38 -16.99
CA SER B 108 -3.18 12.81 -16.93
C SER B 108 -4.57 13.14 -16.43
N ASP B 109 -5.38 12.15 -16.06
CA ASP B 109 -6.76 12.41 -15.66
C ASP B 109 -7.09 11.74 -14.32
N VAL B 110 -6.14 11.77 -13.37
CA VAL B 110 -6.44 11.33 -12.01
C VAL B 110 -7.23 12.41 -11.30
N ASN B 111 -8.28 12.00 -10.59
CA ASN B 111 -9.09 12.95 -9.86
C ASN B 111 -9.76 12.26 -8.69
N LEU B 112 -9.02 12.10 -7.59
CA LEU B 112 -9.53 11.35 -6.47
C LEU B 112 -9.22 12.11 -5.17
N VAL B 113 -9.95 11.78 -4.11
CA VAL B 113 -9.72 12.37 -2.80
C VAL B 113 -9.70 11.22 -1.78
N THR B 114 -8.61 11.12 -1.03
CA THR B 114 -8.54 10.16 0.08
C THR B 114 -8.99 10.84 1.35
N VAL B 115 -9.94 10.22 2.04
CA VAL B 115 -10.40 10.63 3.35
C VAL B 115 -9.91 9.56 4.31
N ARG B 116 -8.90 9.92 5.10
CA ARG B 116 -8.20 9.01 5.99
C ARG B 116 -8.63 9.29 7.42
N GLU B 117 -9.13 8.26 8.10
CA GLU B 117 -9.31 8.35 9.55
C GLU B 117 -7.96 8.69 10.17
N ASN B 118 -7.95 9.71 11.01
CA ASN B 118 -6.73 10.43 11.34
C ASN B 118 -6.36 10.32 12.81
N THR B 119 -7.12 9.59 13.64
CA THR B 119 -6.87 9.58 15.08
C THR B 119 -6.66 8.20 15.71
N GLU B 120 -7.00 7.11 15.03
CA GLU B 120 -6.88 5.81 15.69
C GLU B 120 -6.29 4.76 14.75
N GLY B 121 -6.84 3.55 14.73
CA GLY B 121 -6.22 2.47 13.97
C GLY B 121 -4.86 2.10 14.55
N LEU B 122 -3.90 1.86 13.66
CA LEU B 122 -2.55 1.50 14.07
C LEU B 122 -1.75 2.70 14.53
N TYR B 123 -2.39 3.88 14.64
CA TYR B 123 -1.78 5.09 15.15
C TYR B 123 -2.21 5.38 16.58
N ALA B 124 -2.91 4.45 17.21
CA ALA B 124 -3.32 4.65 18.60
C ALA B 124 -2.15 4.80 19.56
N GLY B 125 -0.94 4.41 19.18
CA GLY B 125 0.18 4.53 20.08
C GLY B 125 0.27 3.43 21.12
N ILE B 126 -0.30 2.26 20.83
CA ILE B 126 -0.40 1.17 21.81
C ILE B 126 0.45 -0.01 21.33
N GLU B 127 1.59 -0.22 22.00
CA GLU B 127 2.54 -1.28 21.64
C GLU B 127 3.35 -1.66 22.86
N HIS B 128 4.00 -2.81 22.76
CA HIS B 128 4.89 -3.22 23.83
C HIS B 128 5.84 -4.29 23.31
N PHE B 129 6.97 -4.39 23.98
CA PHE B 129 7.84 -5.54 23.82
C PHE B 129 7.41 -6.63 24.79
N ILE B 130 7.64 -7.87 24.40
CA ILE B 130 7.62 -9.00 25.32
C ILE B 130 9.08 -9.36 25.57
N LYS B 131 9.47 -9.24 26.84
CA LYS B 131 10.83 -9.36 27.30
C LYS B 131 10.94 -10.35 28.45
N VAL B 132 12.12 -10.97 28.53
N VAL B 132 12.10 -10.98 28.54
CA VAL B 132 12.57 -11.67 29.73
CA VAL B 132 12.52 -11.65 29.77
C VAL B 132 13.74 -10.84 30.26
C VAL B 132 13.72 -10.86 30.28
N ASP B 133 13.53 -10.17 31.40
CA ASP B 133 14.48 -9.19 31.87
C ASP B 133 14.70 -8.16 30.77
N GLU B 134 15.89 -8.08 30.21
CA GLU B 134 16.20 -7.05 29.24
C GLU B 134 16.25 -7.58 27.81
N GLU B 135 16.03 -8.87 27.61
CA GLU B 135 16.04 -9.46 26.28
C GLU B 135 14.64 -9.42 25.66
N LYS B 136 14.56 -8.85 24.45
CA LYS B 136 13.31 -8.74 23.71
C LYS B 136 13.08 -10.04 22.91
N ILE B 137 12.02 -10.77 23.24
CA ILE B 137 11.73 -11.97 22.46
C ILE B 137 10.63 -11.72 21.43
N ALA B 138 9.78 -10.71 21.63
CA ALA B 138 8.74 -10.43 20.64
C ALA B 138 8.25 -9.01 20.86
N ALA B 139 7.36 -8.58 19.96
CA ALA B 139 6.77 -7.26 20.04
C ALA B 139 5.32 -7.35 19.55
N GLU B 140 4.48 -6.47 20.08
CA GLU B 140 3.09 -6.40 19.69
C GLU B 140 2.70 -4.95 19.51
N SER B 141 1.80 -4.72 18.55
CA SER B 141 1.22 -3.41 18.27
C SER B 141 -0.28 -3.59 18.13
N ILE B 142 -1.06 -2.69 18.71
CA ILE B 142 -2.51 -2.84 18.75
C ILE B 142 -3.13 -1.78 17.86
N ALA B 143 -3.93 -2.22 16.90
CA ALA B 143 -4.80 -1.33 16.13
C ALA B 143 -6.13 -1.19 16.87
N VAL B 144 -6.63 0.04 17.00
CA VAL B 144 -7.89 0.32 17.68
C VAL B 144 -8.87 0.97 16.71
N VAL B 145 -10.07 0.41 16.60
CA VAL B 145 -11.17 0.99 15.85
C VAL B 145 -12.35 1.16 16.81
N THR B 146 -12.91 2.38 16.89
CA THR B 146 -14.12 2.61 17.68
C THR B 146 -15.32 2.79 16.76
N ARG B 147 -16.49 2.41 17.26
CA ARG B 147 -17.71 2.70 16.50
C ARG B 147 -17.82 4.18 16.18
N LYS B 148 -17.46 5.02 17.14
CA LYS B 148 -17.79 6.43 16.96
C LYS B 148 -16.78 7.12 16.04
N GLY B 149 -15.50 6.68 16.12
CA GLY B 149 -14.49 7.15 15.18
C GLY B 149 -14.81 6.78 13.74
N SER B 150 -15.25 5.54 13.53
CA SER B 150 -15.64 5.09 12.20
C SER B 150 -16.83 5.87 11.68
N GLU B 151 -17.85 6.05 12.52
CA GLU B 151 -19.03 6.81 12.13
C GLU B 151 -18.65 8.21 11.64
N ARG B 152 -17.81 8.93 12.38
CA ARG B 152 -17.53 10.31 11.95
C ARG B 152 -16.66 10.35 10.69
N ILE B 153 -15.68 9.44 10.54
CA ILE B 153 -14.89 9.56 9.32
C ILE B 153 -15.72 9.19 8.10
N ILE B 154 -16.61 8.21 8.23
CA ILE B 154 -17.37 7.80 7.06
C ILE B 154 -18.43 8.84 6.72
N ARG B 155 -19.10 9.41 7.74
CA ARG B 155 -20.02 10.52 7.45
C ARG B 155 -19.27 11.70 6.85
N TYR B 156 -18.06 11.98 7.34
CA TYR B 156 -17.28 13.05 6.72
C TYR B 156 -17.08 12.77 5.24
N ALA B 157 -16.78 11.51 4.88
CA ALA B 157 -16.53 11.18 3.48
C ALA B 157 -17.77 11.42 2.62
N PHE B 158 -18.93 10.98 3.10
CA PHE B 158 -20.18 11.21 2.35
C PHE B 158 -20.56 12.69 2.29
N ASP B 159 -20.46 13.40 3.41
CA ASP B 159 -20.76 14.82 3.40
C ASP B 159 -19.84 15.55 2.43
N TYR B 160 -18.57 15.15 2.41
CA TYR B 160 -17.61 15.78 1.51
C TYR B 160 -17.96 15.49 0.07
N ALA B 161 -18.34 14.24 -0.21
CA ALA B 161 -18.77 13.90 -1.57
C ALA B 161 -19.91 14.81 -2.02
N ARG B 162 -20.89 15.03 -1.15
CA ARG B 162 -21.97 15.94 -1.50
C ARG B 162 -21.46 17.35 -1.75
N ARG B 163 -20.74 17.89 -0.78
CA ARG B 163 -20.27 19.27 -0.85
C ARG B 163 -19.38 19.50 -2.07
N ALA B 164 -18.60 18.51 -2.47
CA ALA B 164 -17.72 18.63 -3.63
C ALA B 164 -18.36 18.18 -4.93
N ARG B 165 -19.64 17.80 -4.91
CA ARG B 165 -20.35 17.30 -6.10
C ARG B 165 -19.63 16.09 -6.70
N ARG B 166 -19.14 15.21 -5.84
CA ARG B 166 -18.61 13.92 -6.28
C ARG B 166 -19.70 12.85 -6.16
N LYS B 167 -19.46 11.72 -6.82
CA LYS B 167 -20.51 10.76 -7.09
C LYS B 167 -20.37 9.44 -6.34
N LYS B 168 -19.16 9.11 -5.88
CA LYS B 168 -18.91 7.78 -5.34
C LYS B 168 -17.95 7.84 -4.16
N VAL B 169 -18.28 7.07 -3.14
CA VAL B 169 -17.41 6.77 -2.02
C VAL B 169 -17.06 5.29 -2.06
N THR B 170 -15.76 4.99 -2.05
CA THR B 170 -15.23 3.63 -1.96
C THR B 170 -14.55 3.44 -0.60
N LEU B 171 -15.06 2.51 0.20
CA LEU B 171 -14.46 2.19 1.49
C LEU B 171 -13.39 1.11 1.33
N VAL B 172 -12.18 1.39 1.79
CA VAL B 172 -11.06 0.48 1.62
C VAL B 172 -10.73 -0.17 2.95
N HIS B 173 -10.55 -1.49 2.93
CA HIS B 173 -10.47 -2.26 4.17
C HIS B 173 -9.66 -3.52 3.95
N LYS B 174 -9.41 -4.25 5.04
CA LYS B 174 -8.86 -5.60 4.97
C LYS B 174 -9.68 -6.51 5.89
N ALA B 175 -10.99 -6.53 5.68
CA ALA B 175 -11.89 -7.17 6.63
C ALA B 175 -11.93 -8.68 6.48
N ASN B 176 -11.35 -9.24 5.43
CA ASN B 176 -11.25 -10.69 5.37
C ASN B 176 -10.25 -11.21 6.39
N ILE B 177 -9.17 -10.47 6.65
CA ILE B 177 -8.14 -10.88 7.61
C ILE B 177 -8.32 -10.21 8.97
N LEU B 178 -8.55 -8.91 8.97
CA LEU B 178 -8.82 -8.14 10.18
C LEU B 178 -10.34 -8.08 10.36
N LYS B 179 -10.87 -9.21 10.79
CA LYS B 179 -12.32 -9.35 10.85
C LYS B 179 -12.95 -8.40 11.86
N CYS B 180 -12.23 -8.06 12.93
CA CYS B 180 -12.82 -7.23 13.99
C CYS B 180 -12.69 -5.74 13.69
N THR B 181 -11.46 -5.24 13.46
CA THR B 181 -11.27 -3.80 13.27
C THR B 181 -11.76 -3.37 11.90
N SER B 182 -11.13 -3.92 10.85
CA SER B 182 -11.57 -3.62 9.48
C SER B 182 -13.01 -4.02 9.27
N GLY B 183 -13.43 -5.16 9.83
CA GLY B 183 -14.81 -5.60 9.68
C GLY B 183 -15.81 -4.64 10.29
N LEU B 184 -15.51 -4.13 11.49
CA LEU B 184 -16.43 -3.18 12.11
C LEU B 184 -16.49 -1.89 11.30
N PHE B 185 -15.34 -1.42 10.81
CA PHE B 185 -15.31 -0.25 9.94
C PHE B 185 -16.19 -0.44 8.71
N LEU B 186 -16.03 -1.58 8.02
CA LEU B 186 -16.83 -1.87 6.82
C LEU B 186 -18.32 -1.96 7.14
N GLU B 187 -18.68 -2.66 8.22
CA GLU B 187 -20.08 -2.81 8.59
C GLU B 187 -20.72 -1.46 8.87
N ILE B 188 -20.02 -0.62 9.62
CA ILE B 188 -20.52 0.73 9.85
C ILE B 188 -20.67 1.50 8.54
N GLY B 189 -19.69 1.36 7.62
CA GLY B 189 -19.78 2.04 6.33
C GLY B 189 -21.00 1.64 5.50
N ARG B 190 -21.29 0.32 5.44
CA ARG B 190 -22.49 -0.15 4.74
C ARG B 190 -23.76 0.43 5.37
N GLU B 191 -23.75 0.52 6.69
CA GLU B 191 -24.83 1.09 7.50
C GLU B 191 -25.06 2.57 7.18
N ILE B 192 -23.96 3.35 7.15
CA ILE B 192 -24.09 4.79 6.94
C ILE B 192 -24.42 5.09 5.49
N ALA B 193 -23.98 4.23 4.55
CA ALA B 193 -24.21 4.47 3.13
C ALA B 193 -25.70 4.58 2.79
N LYS B 194 -26.56 3.90 3.55
CA LYS B 194 -27.99 3.94 3.31
C LYS B 194 -28.58 5.31 3.64
N GLU B 195 -27.87 6.13 4.42
CA GLU B 195 -28.29 7.50 4.68
C GLU B 195 -27.98 8.43 3.52
N TYR B 196 -27.27 7.97 2.51
CA TYR B 196 -26.80 8.80 1.40
C TYR B 196 -27.13 8.12 0.07
N PRO B 197 -28.41 7.88 -0.20
CA PRO B 197 -28.75 7.19 -1.46
C PRO B 197 -28.38 7.98 -2.70
N ASP B 198 -28.13 9.29 -2.57
CA ASP B 198 -27.65 10.05 -3.71
C ASP B 198 -26.19 9.73 -4.07
N ILE B 199 -25.44 9.06 -3.20
CA ILE B 199 -24.02 8.80 -3.41
C ILE B 199 -23.81 7.30 -3.62
N GLU B 200 -23.06 6.94 -4.66
CA GLU B 200 -22.74 5.53 -4.87
C GLU B 200 -21.72 5.09 -3.81
N PHE B 201 -21.87 3.85 -3.33
CA PHE B 201 -21.01 3.30 -2.30
C PHE B 201 -20.55 1.93 -2.74
N ASP B 202 -19.24 1.68 -2.69
CA ASP B 202 -18.70 0.32 -2.80
C ASP B 202 -17.52 0.18 -1.86
N ASP B 203 -16.91 -1.01 -1.85
CA ASP B 203 -15.82 -1.31 -0.96
C ASP B 203 -14.79 -2.15 -1.69
N ARG B 204 -13.52 -2.04 -1.27
CA ARG B 204 -12.41 -2.76 -1.86
C ARG B 204 -11.46 -3.22 -0.78
N ILE B 205 -10.92 -4.42 -0.95
CA ILE B 205 -9.82 -4.89 -0.11
C ILE B 205 -8.54 -4.16 -0.52
N VAL B 206 -7.76 -3.75 0.48
CA VAL B 206 -6.70 -2.77 0.26
C VAL B 206 -5.66 -3.24 -0.77
N ASP B 207 -5.37 -4.54 -0.83
CA ASP B 207 -4.34 -4.97 -1.78
C ASP B 207 -4.86 -4.91 -3.22
N ALA B 208 -6.07 -5.42 -3.46
CA ALA B 208 -6.68 -5.27 -4.79
C ALA B 208 -6.82 -3.78 -5.14
N CYS B 209 -7.17 -2.98 -4.15
CA CYS B 209 -7.31 -1.54 -4.36
C CYS B 209 -6.01 -0.90 -4.81
N SER B 210 -4.87 -1.33 -4.23
N SER B 210 -4.88 -1.33 -4.24
CA SER B 210 -3.61 -0.75 -4.66
CA SER B 210 -3.60 -0.75 -4.66
C SER B 210 -3.27 -1.15 -6.10
C SER B 210 -3.28 -1.14 -6.10
N MET B 211 -3.51 -2.42 -6.44
CA MET B 211 -3.36 -2.84 -7.84
C MET B 211 -4.21 -1.97 -8.77
N GLN B 212 -5.47 -1.74 -8.38
CA GLN B 212 -6.39 -0.97 -9.22
C GLN B 212 -5.96 0.48 -9.33
N MET B 213 -5.40 1.05 -8.26
CA MET B 213 -4.93 2.43 -8.36
C MET B 213 -3.74 2.53 -9.30
N VAL B 214 -2.85 1.54 -9.27
CA VAL B 214 -1.74 1.61 -10.21
C VAL B 214 -2.23 1.45 -11.65
N MET B 215 -3.24 0.61 -11.86
CA MET B 215 -3.59 0.29 -13.24
C MET B 215 -4.62 1.24 -13.85
N GLN B 216 -5.56 1.76 -13.08
CA GLN B 216 -6.63 2.60 -13.61
C GLN B 216 -7.18 3.48 -12.49
N PRO B 217 -6.40 4.47 -12.07
CA PRO B 217 -6.82 5.33 -10.93
C PRO B 217 -8.06 6.14 -11.25
N GLN B 218 -8.44 6.23 -12.53
CA GLN B 218 -9.65 6.94 -12.93
C GLN B 218 -10.90 6.31 -12.32
N ARG B 219 -10.81 5.06 -11.86
CA ARG B 219 -11.95 4.37 -11.23
C ARG B 219 -12.38 5.02 -9.93
N PHE B 220 -11.50 5.78 -9.30
CA PHE B 220 -11.73 6.23 -7.94
C PHE B 220 -12.19 7.69 -7.90
N ASP B 221 -13.04 7.97 -6.92
CA ASP B 221 -13.63 9.28 -6.71
C ASP B 221 -13.26 9.70 -5.29
N VAL B 222 -14.11 9.43 -4.30
CA VAL B 222 -13.73 9.55 -2.89
C VAL B 222 -13.38 8.18 -2.34
N LEU B 223 -12.22 8.07 -1.71
CA LEU B 223 -11.83 6.87 -0.95
C LEU B 223 -11.95 7.20 0.52
N VAL B 224 -12.53 6.30 1.30
CA VAL B 224 -12.52 6.47 2.76
C VAL B 224 -11.88 5.23 3.36
N THR B 225 -10.96 5.46 4.30
CA THR B 225 -10.26 4.31 4.86
C THR B 225 -9.66 4.69 6.21
N THR B 226 -9.05 3.69 6.83
CA THR B 226 -8.44 3.84 8.14
C THR B 226 -7.04 4.44 8.00
N ASN B 227 -6.41 4.67 9.15
CA ASN B 227 -5.23 5.52 9.27
C ASN B 227 -4.06 5.04 8.40
N LEU B 228 -3.58 3.81 8.63
CA LEU B 228 -2.41 3.34 7.89
C LEU B 228 -2.71 3.18 6.41
N PHE B 229 -3.87 2.58 6.09
CA PHE B 229 -4.22 2.39 4.69
C PHE B 229 -4.34 3.73 3.99
N GLY B 230 -4.86 4.74 4.69
CA GLY B 230 -4.91 6.09 4.10
C GLY B 230 -3.53 6.65 3.83
N ASP B 231 -2.62 6.47 4.79
CA ASP B 231 -1.23 6.91 4.58
C ASP B 231 -0.65 6.31 3.31
N ILE B 232 -0.79 4.99 3.16
CA ILE B 232 -0.16 4.29 2.02
C ILE B 232 -0.84 4.67 0.71
N LEU B 233 -2.17 4.64 0.69
CA LEU B 233 -2.89 4.90 -0.55
C LEU B 233 -2.69 6.33 -1.01
N SER B 234 -2.67 7.29 -0.08
CA SER B 234 -2.45 8.68 -0.49
C SER B 234 -1.03 8.88 -1.01
N ASP B 235 -0.02 8.15 -0.48
CA ASP B 235 1.31 8.29 -1.07
C ASP B 235 1.39 7.65 -2.45
N LEU B 236 0.69 6.52 -2.64
CA LEU B 236 0.57 5.91 -3.96
C LEU B 236 -0.05 6.89 -4.96
N ALA B 237 -1.18 7.51 -4.59
CA ALA B 237 -1.82 8.47 -5.47
C ALA B 237 -0.90 9.64 -5.78
N ALA B 238 -0.18 10.13 -4.77
CA ALA B 238 0.78 11.19 -5.01
C ALA B 238 1.79 10.76 -6.08
N GLY B 239 2.30 9.55 -5.95
CA GLY B 239 3.18 9.02 -6.97
C GLY B 239 2.55 9.06 -8.35
N LEU B 240 1.26 8.68 -8.41
CA LEU B 240 0.58 8.65 -9.70
C LEU B 240 0.51 10.01 -10.36
N ILE B 241 0.36 11.08 -9.57
CA ILE B 241 0.21 12.39 -10.20
C ILE B 241 1.54 13.13 -10.30
N GLY B 242 2.65 12.48 -9.97
CA GLY B 242 3.96 13.07 -10.19
C GLY B 242 4.82 13.27 -8.97
N GLY B 243 4.40 12.88 -7.78
CA GLY B 243 5.30 12.77 -6.64
C GLY B 243 4.77 13.44 -5.39
N LEU B 244 5.44 13.13 -4.28
CA LEU B 244 5.11 13.72 -2.99
C LEU B 244 5.30 15.21 -2.96
N GLY B 245 6.14 15.74 -3.85
CA GLY B 245 6.33 17.17 -4.00
C GLY B 245 5.10 17.94 -4.41
N LEU B 246 4.01 17.25 -4.79
CA LEU B 246 2.82 17.91 -5.33
C LEU B 246 1.61 17.94 -4.42
N THR B 247 1.55 17.10 -3.38
CA THR B 247 0.28 16.75 -2.74
C THR B 247 0.17 17.30 -1.32
N ALA B 248 -1.02 17.78 -0.98
CA ALA B 248 -1.29 18.41 0.30
C ALA B 248 -2.41 17.69 1.04
N GLY B 249 -2.47 17.92 2.34
CA GLY B 249 -3.46 17.29 3.19
C GLY B 249 -4.01 18.28 4.19
N ALA B 250 -5.31 18.18 4.42
CA ALA B 250 -6.01 18.98 5.42
C ALA B 250 -6.41 18.06 6.57
N ASN B 251 -6.01 18.41 7.80
CA ASN B 251 -6.42 17.70 9.01
C ASN B 251 -7.55 18.51 9.63
N ILE B 252 -8.78 17.99 9.54
CA ILE B 252 -10.00 18.70 9.90
C ILE B 252 -10.60 18.07 11.14
N GLY B 253 -10.91 18.90 12.15
CA GLY B 253 -11.80 18.54 13.23
C GLY B 253 -12.99 19.49 13.28
N THR B 254 -13.86 19.35 14.29
N THR B 254 -13.86 19.35 14.29
CA THR B 254 -15.01 20.24 14.37
CA THR B 254 -15.02 20.23 14.39
C THR B 254 -14.60 21.66 14.75
C THR B 254 -14.61 21.65 14.75
N ASP B 255 -13.57 21.81 15.57
CA ASP B 255 -13.16 23.10 16.13
C ASP B 255 -11.81 23.60 15.69
N ALA B 256 -11.10 22.88 14.82
CA ALA B 256 -9.73 23.26 14.49
C ALA B 256 -9.34 22.58 13.18
N ALA B 257 -8.25 23.07 12.59
CA ALA B 257 -7.80 22.55 11.31
C ALA B 257 -6.32 22.83 11.16
N LEU B 258 -5.61 21.88 10.56
CA LEU B 258 -4.16 21.96 10.41
C LEU B 258 -3.81 21.53 9.00
N PHE B 259 -3.06 22.36 8.28
CA PHE B 259 -2.81 22.11 6.87
C PHE B 259 -1.34 21.84 6.63
N GLU B 260 -1.06 20.87 5.78
CA GLU B 260 0.34 20.46 5.66
C GLU B 260 0.53 19.79 4.32
N ALA B 261 1.80 19.69 3.92
CA ALA B 261 2.16 18.79 2.85
C ALA B 261 1.98 17.34 3.32
N VAL B 262 1.76 16.46 2.34
CA VAL B 262 1.73 15.03 2.60
C VAL B 262 3.13 14.47 2.85
N HIS B 263 4.16 15.05 2.24
CA HIS B 263 5.51 14.49 2.32
C HIS B 263 6.16 14.81 3.68
N GLY B 264 7.33 14.21 3.87
CA GLY B 264 8.13 14.38 5.07
C GLY B 264 9.22 15.42 4.93
N SER B 265 10.21 15.32 5.84
CA SER B 265 11.27 16.31 5.94
C SER B 265 12.36 16.11 4.89
N ALA B 266 12.27 15.06 4.08
CA ALA B 266 13.16 14.77 2.97
C ALA B 266 14.61 15.02 3.35
N PRO B 267 15.17 14.22 4.28
CA PRO B 267 16.56 14.46 4.71
C PRO B 267 17.60 14.29 3.60
N ASP B 268 17.32 13.49 2.56
CA ASP B 268 18.28 13.32 1.48
C ASP B 268 18.49 14.60 0.66
N ILE B 269 17.57 15.56 0.70
CA ILE B 269 17.75 16.79 -0.07
C ILE B 269 17.64 18.01 0.83
N ALA B 270 17.65 17.83 2.15
CA ALA B 270 17.61 18.99 3.02
C ALA B 270 18.83 19.86 2.77
N ASP B 271 18.63 21.16 2.80
CA ASP B 271 19.69 22.14 2.60
C ASP B 271 20.22 22.21 1.17
N LYS B 272 19.65 21.47 0.22
CA LYS B 272 20.15 21.59 -1.15
C LYS B 272 19.38 22.60 -1.98
N GLY B 273 18.30 23.14 -1.43
CA GLY B 273 17.54 24.19 -2.09
C GLY B 273 16.78 23.77 -3.33
N ILE B 274 16.45 22.48 -3.48
CA ILE B 274 15.76 21.99 -4.67
C ILE B 274 14.38 21.40 -4.38
N ALA B 275 13.94 21.34 -3.13
CA ALA B 275 12.64 20.75 -2.82
C ALA B 275 11.52 21.42 -3.60
N ASN B 276 10.60 20.62 -4.11
CA ASN B 276 9.42 21.16 -4.77
C ASN B 276 8.53 21.81 -3.71
N PRO B 277 8.19 23.10 -3.82
CA PRO B 277 7.31 23.72 -2.82
C PRO B 277 5.83 23.60 -3.14
N THR B 278 5.48 22.92 -4.23
CA THR B 278 4.09 22.84 -4.66
C THR B 278 3.19 22.28 -3.57
N ALA B 279 3.60 21.18 -2.93
CA ALA B 279 2.74 20.53 -1.92
C ALA B 279 2.40 21.51 -0.79
N MET B 280 3.39 22.24 -0.29
CA MET B 280 3.14 23.20 0.78
C MET B 280 2.26 24.35 0.30
N ILE B 281 2.48 24.79 -0.94
CA ILE B 281 1.66 25.86 -1.49
C ILE B 281 0.20 25.41 -1.66
N MET B 282 0.00 24.16 -2.12
CA MET B 282 -1.35 23.62 -2.23
C MET B 282 -1.98 23.47 -0.84
N ALA B 283 -1.18 23.10 0.17
CA ALA B 283 -1.69 23.11 1.53
C ALA B 283 -2.16 24.51 1.91
N GLY B 284 -1.40 25.53 1.50
CA GLY B 284 -1.83 26.90 1.70
C GLY B 284 -3.16 27.21 1.04
N ALA B 285 -3.34 26.77 -0.21
CA ALA B 285 -4.62 26.96 -0.90
C ALA B 285 -5.76 26.30 -0.12
N MET B 286 -5.56 25.06 0.34
CA MET B 286 -6.61 24.37 1.08
C MET B 286 -6.94 25.12 2.37
N MET B 287 -5.90 25.62 3.04
CA MET B 287 -6.12 26.38 4.27
C MET B 287 -6.92 27.65 3.97
N LEU B 288 -6.54 28.37 2.92
CA LEU B 288 -7.25 29.60 2.55
C LEU B 288 -8.71 29.31 2.25
N GLU B 289 -8.99 28.24 1.52
CA GLU B 289 -10.37 27.87 1.25
C GLU B 289 -11.12 27.57 2.54
N HIS B 290 -10.51 26.81 3.45
CA HIS B 290 -11.17 26.49 4.70
C HIS B 290 -11.57 27.73 5.49
N ILE B 291 -10.71 28.76 5.53
CA ILE B 291 -10.97 29.88 6.43
C ILE B 291 -11.77 30.97 5.73
N GLY B 292 -12.35 30.66 4.58
CA GLY B 292 -13.26 31.61 3.95
C GLY B 292 -12.57 32.60 3.05
N GLU B 293 -11.53 32.14 2.35
CA GLU B 293 -10.85 32.94 1.33
C GLU B 293 -10.79 32.11 0.04
N PRO B 294 -11.95 31.71 -0.50
CA PRO B 294 -11.93 30.81 -1.65
C PRO B 294 -11.31 31.42 -2.90
N ASP B 295 -11.46 32.72 -3.10
CA ASP B 295 -10.89 33.35 -4.28
C ASP B 295 -9.36 33.31 -4.25
N ALA B 296 -8.77 33.68 -3.10
CA ALA B 296 -7.33 33.55 -2.94
C ALA B 296 -6.86 32.12 -3.17
N ALA B 297 -7.61 31.14 -2.64
CA ALA B 297 -7.28 29.74 -2.87
C ALA B 297 -7.26 29.40 -4.35
N ARG B 298 -8.29 29.84 -5.08
CA ARG B 298 -8.39 29.51 -6.50
C ARG B 298 -7.27 30.17 -7.29
N ARG B 299 -6.91 31.39 -6.92
CA ARG B 299 -5.80 32.05 -7.60
C ARG B 299 -4.48 31.32 -7.35
N ILE B 300 -4.24 30.87 -6.12
CA ILE B 300 -3.03 30.08 -5.85
C ILE B 300 -2.99 28.83 -6.71
N GLU B 301 -4.12 28.10 -6.74
CA GLU B 301 -4.12 26.85 -7.48
C GLU B 301 -3.92 27.09 -8.98
N ARG B 302 -4.59 28.11 -9.52
CA ARG B 302 -4.39 28.42 -10.92
C ARG B 302 -2.94 28.79 -11.21
N ALA B 303 -2.31 29.58 -10.34
CA ALA B 303 -0.92 29.97 -10.56
C ALA B 303 -0.01 28.75 -10.55
N VAL B 304 -0.19 27.84 -9.57
CA VAL B 304 0.61 26.62 -9.51
C VAL B 304 0.44 25.83 -10.81
N ARG B 305 -0.81 25.65 -11.24
CA ARG B 305 -1.06 24.88 -12.46
C ARG B 305 -0.43 25.53 -13.67
N GLU B 306 -0.51 26.87 -13.78
CA GLU B 306 0.12 27.56 -14.91
C GLU B 306 1.63 27.37 -14.92
N VAL B 307 2.27 27.50 -13.75
CA VAL B 307 3.72 27.34 -13.71
C VAL B 307 4.12 25.91 -14.07
N ILE B 308 3.36 24.92 -13.61
CA ILE B 308 3.74 23.54 -13.91
C ILE B 308 3.47 23.19 -15.37
N GLU B 309 2.38 23.71 -15.94
CA GLU B 309 2.12 23.51 -17.37
C GLU B 309 3.20 24.15 -18.23
N ASP B 310 3.62 25.37 -17.89
CA ASP B 310 4.69 26.02 -18.63
C ASP B 310 5.97 25.20 -18.57
N GLY B 311 6.36 24.74 -17.38
CA GLY B 311 7.44 23.79 -17.22
C GLY B 311 8.84 24.35 -17.22
N ARG B 312 9.01 25.67 -17.23
CA ARG B 312 10.35 26.22 -17.31
C ARG B 312 10.94 26.63 -15.96
N SER B 313 10.13 27.05 -14.99
CA SER B 313 10.66 27.27 -13.65
C SER B 313 10.12 26.25 -12.65
N VAL B 314 10.44 24.97 -12.85
CA VAL B 314 10.02 23.91 -11.95
C VAL B 314 11.26 23.19 -11.39
N THR B 315 11.07 22.53 -10.25
CA THR B 315 12.12 21.84 -9.51
C THR B 315 12.49 20.50 -10.17
N PRO B 316 13.66 19.93 -9.84
CA PRO B 316 14.14 18.73 -10.57
C PRO B 316 13.21 17.52 -10.50
N ASP B 317 12.39 17.39 -9.45
CA ASP B 317 11.47 16.26 -9.38
C ASP B 317 10.45 16.27 -10.52
N LEU B 318 10.13 17.46 -11.06
CA LEU B 318 9.14 17.62 -12.12
C LEU B 318 9.76 17.65 -13.52
N ALA B 319 10.94 18.25 -13.66
CA ALA B 319 11.65 18.32 -14.94
C ALA B 319 13.12 18.08 -14.65
N LYS B 320 13.65 16.98 -15.19
CA LYS B 320 15.00 16.57 -14.86
C LYS B 320 16.10 17.29 -15.64
N ASP B 321 15.78 17.95 -16.75
CA ASP B 321 16.83 18.43 -17.65
C ASP B 321 17.37 19.82 -17.32
N SER B 322 16.53 20.84 -17.27
CA SER B 322 16.97 22.19 -16.94
C SER B 322 16.11 22.79 -15.83
N PRO B 323 16.23 22.28 -14.62
CA PRO B 323 15.38 22.72 -13.52
C PRO B 323 15.98 23.89 -12.74
N CYS B 324 15.10 24.55 -12.00
CA CYS B 324 15.48 25.58 -11.06
C CYS B 324 15.30 25.05 -9.64
N GLY B 325 15.48 25.92 -8.64
CA GLY B 325 15.36 25.53 -7.26
C GLY B 325 14.06 25.98 -6.62
N THR B 326 13.95 25.67 -5.32
CA THR B 326 12.74 25.96 -4.56
C THR B 326 12.34 27.41 -4.68
N ALA B 327 13.29 28.33 -4.44
CA ALA B 327 12.97 29.76 -4.40
C ALA B 327 12.56 30.27 -5.78
N GLN B 328 13.26 29.86 -6.83
CA GLN B 328 12.88 30.30 -8.18
C GLN B 328 11.49 29.81 -8.56
N MET B 329 11.18 28.55 -8.29
CA MET B 329 9.85 28.05 -8.59
C MET B 329 8.78 28.82 -7.80
N ALA B 330 9.06 29.09 -6.53
CA ALA B 330 8.11 29.85 -5.71
C ALA B 330 7.91 31.26 -6.26
N GLU B 331 8.99 31.91 -6.69
CA GLU B 331 8.88 33.26 -7.25
C GLU B 331 8.05 33.25 -8.54
N ALA B 332 8.25 32.23 -9.39
CA ALA B 332 7.40 32.06 -10.57
C ALA B 332 5.92 31.94 -10.19
N ILE B 333 5.63 31.19 -9.13
CA ILE B 333 4.25 31.09 -8.68
C ILE B 333 3.74 32.42 -8.12
N VAL B 334 4.58 33.16 -7.39
CA VAL B 334 4.17 34.48 -6.89
C VAL B 334 3.83 35.41 -8.05
N GLU B 335 4.66 35.40 -9.10
CA GLU B 335 4.38 36.26 -10.24
C GLU B 335 3.07 35.88 -10.92
N ARG B 336 2.81 34.57 -11.09
CA ARG B 336 1.51 34.21 -11.67
C ARG B 336 0.35 34.57 -10.75
N VAL B 337 0.55 34.51 -9.42
CA VAL B 337 -0.53 34.92 -8.52
C VAL B 337 -0.84 36.38 -8.73
N ARG B 338 0.20 37.19 -8.96
CA ARG B 338 -0.01 38.63 -9.09
C ARG B 338 -0.61 39.00 -10.45
N GLN B 339 -0.47 38.13 -11.46
CA GLN B 339 -1.12 38.28 -12.75
C GLN B 339 -2.30 37.32 -12.93
PA NAD C . -9.41 -10.62 -6.51
O1A NAD C . -10.22 -11.88 -6.45
O2A NAD C . -7.96 -10.92 -6.76
O5B NAD C . -10.04 -9.65 -7.62
C5B NAD C . -9.48 -8.34 -7.78
C4B NAD C . -9.70 -7.89 -9.21
O4B NAD C . -8.75 -8.59 -10.03
C3B NAD C . -11.10 -8.27 -9.67
O3B NAD C . -11.68 -7.23 -10.45
C2B NAD C . -10.87 -9.52 -10.50
O2B NAD C . -11.84 -9.72 -11.54
C1B NAD C . -9.45 -9.34 -11.02
N9A NAD C . -8.96 -10.70 -11.18
C8A NAD C . -8.02 -11.25 -10.20
N7A NAD C . -7.66 -12.50 -10.90
C5A NAD C . -7.30 -12.02 -12.24
C6A NAD C . -7.57 -13.09 -13.29
N6A NAD C . -6.55 -14.14 -13.17
N1A NAD C . -7.47 -12.43 -14.61
C2A NAD C . -8.47 -11.39 -14.85
N3A NAD C . -9.21 -11.04 -13.62
C4A NAD C . -8.30 -10.91 -12.48
O3 NAD C . -9.47 -9.83 -5.11
PN NAD C . -10.78 -9.54 -4.25
O1N NAD C . -12.02 -9.33 -5.06
O2N NAD C . -10.43 -8.33 -3.39
O5D NAD C . -10.99 -10.82 -3.30
C5D NAD C . -11.82 -11.91 -3.74
C4D NAD C . -11.60 -13.11 -2.83
O4D NAD C . -10.33 -13.73 -3.07
C3D NAD C . -11.64 -12.69 -1.36
O3D NAD C . -12.48 -13.62 -0.66
C2D NAD C . -10.19 -12.85 -0.92
O2D NAD C . -10.04 -13.22 0.45
C1D NAD C . -9.68 -13.97 -1.81
N1N NAD C . -8.20 -13.93 -1.82
C2N NAD C . -7.57 -15.16 -2.29
C3N NAD C . -6.10 -15.01 -2.02
C7N NAD C . -5.33 -16.34 -2.03
O7N NAD C . -4.03 -16.21 -2.59
N7N NAD C . -6.12 -17.40 -2.64
C4N NAD C . -5.43 -13.91 -2.83
C5N NAD C . -6.22 -12.61 -2.79
C6N NAD C . -7.70 -12.69 -2.46
C ACE D . -6.44 -7.87 -13.50
O ACE D . -5.78 -8.89 -13.72
CH3 ACE D . -5.97 -6.84 -12.53
C1 CIT E . -3.03 -13.48 -0.36
O1 CIT E . -2.22 -14.33 -0.79
O2 CIT E . -2.84 -12.28 -0.66
C2 CIT E . -4.19 -13.93 0.50
C3 CIT E . -4.67 -12.82 1.43
O7 CIT E . -5.33 -11.80 0.65
C4 CIT E . -5.61 -13.33 2.51
C5 CIT E . -6.76 -14.10 1.92
O3 CIT E . -6.96 -15.27 2.28
O4 CIT E . -7.54 -13.56 1.11
C6 CIT E . -3.50 -12.19 2.15
O5 CIT E . -2.46 -12.87 2.30
O6 CIT E . -3.59 -11.02 2.59
C ACT F . 15.33 2.05 -3.33
O ACT F . 15.91 3.18 -3.39
OXT ACT F . 14.14 1.76 -3.61
CH3 ACT F . 16.20 0.88 -2.83
C ACE G . 2.62 6.17 -13.25
O ACE G . 2.79 5.00 -12.88
CH3 ACE G . 3.69 7.00 -13.91
PA NAD H . 10.01 11.79 2.79
O1A NAD H . 10.78 12.78 3.61
O2A NAD H . 8.62 12.31 2.40
O5B NAD H . 10.91 11.50 1.49
C5B NAD H . 10.47 10.56 0.51
C4B NAD H . 11.11 10.93 -0.82
O4B NAD H . 10.44 12.08 -1.38
C3B NAD H . 12.57 11.32 -0.63
O3B NAD H . 13.40 10.78 -1.66
C2B NAD H . 12.53 12.84 -0.70
O2B NAD H . 13.69 13.49 -1.22
C1B NAD H . 11.36 13.16 -1.61
N9A NAD H . 10.90 14.46 -1.11
C8A NAD H . 9.61 14.47 -0.41
N7A NAD H . 9.22 15.90 -0.43
C5A NAD H . 9.41 16.20 -1.87
C6A NAD H . 9.43 17.63 -2.40
N6A NAD H . 9.06 18.62 -1.38
N1A NAD H . 10.71 17.82 -3.10
C2A NAD H . 10.85 16.73 -4.07
N3A NAD H . 11.33 15.49 -3.41
C4A NAD H . 10.75 15.55 -2.07
O3 NAD H . 9.77 10.42 3.57
PN NAD H . 10.82 9.62 4.46
O1N NAD H . 12.23 9.76 3.95
O2N NAD H . 10.34 8.20 4.43
O5D NAD H . 10.69 10.25 5.94
C5D NAD H . 11.49 11.32 6.41
C4D NAD H . 10.92 11.88 7.73
O4D NAD H . 9.69 12.60 7.51
C3D NAD H . 10.60 10.79 8.76
O3D NAD H . 11.14 11.15 10.04
C2D NAD H . 9.08 10.78 8.83
O2D NAD H . 8.60 10.49 10.15
C1D NAD H . 8.70 12.20 8.49
N1N NAD H . 7.32 12.21 7.95
C2N NAD H . 6.73 13.54 8.16
C3N NAD H . 5.55 13.92 7.26
C7N NAD H . 4.60 15.02 7.78
O7N NAD H . 5.23 15.73 8.83
N7N NAD H . 3.21 14.64 8.12
C4N NAD H . 4.98 12.89 6.30
C5N NAD H . 5.85 11.68 5.97
C6N NAD H . 7.20 11.52 6.65
C ACE I . 0.38 1.44 17.59
O ACE I . -0.80 1.28 17.98
CH3 ACE I . 1.02 2.80 17.29
C ACE J . 4.96 20.78 -20.24
O ACE J . 5.82 20.72 -19.36
CH3 ACE J . 5.10 20.10 -21.58
C ACE K . 5.34 13.63 21.52
O ACE K . 4.93 13.67 20.35
CH3 ACE K . 4.81 14.50 22.63
C ACT L . 7.22 -7.34 29.21
O ACT L . 7.17 -8.59 28.97
OXT ACT L . 7.46 -6.40 28.41
CH3 ACT L . 6.96 -6.94 30.70
C1 CIT M . 1.73 9.25 9.33
O1 CIT M . 1.91 8.21 8.65
O2 CIT M . 0.70 9.97 9.19
C2 CIT M . 2.78 9.67 10.32
C3 CIT M . 3.76 10.41 9.45
O7 CIT M . 4.00 9.54 8.32
C4 CIT M . 3.17 11.70 8.90
C5 CIT M . 2.35 11.52 7.62
O3 CIT M . 2.50 10.56 6.85
O4 CIT M . 1.44 12.32 7.33
C6 CIT M . 4.97 10.71 10.35
O5 CIT M . 6.12 10.37 10.01
O6 CIT M . 4.85 11.28 11.45
#